data_5HZ0
#
_entry.id   5HZ0
#
_cell.length_a   181.000
_cell.length_b   181.000
_cell.length_c   87.968
_cell.angle_alpha   90.000
_cell.angle_beta   90.000
_cell.angle_gamma   120.000
#
_symmetry.space_group_name_H-M   'H 3'
#
loop_
_entity.id
_entity.type
_entity.pdbx_description
1 polymer 'Probable LRR receptor-like serine/threonine-protein kinase At4g26540'
2 polymer ASP-PTR-TRP-LYS-PRO-ARG-HIS-HIS-PRO-HYP-ARG-ASN-ASN
3 branched 2-acetamido-2-deoxy-beta-D-glucopyranose-(1-4)-2-acetamido-2-deoxy-beta-D-glucopyranose
4 non-polymer 2-acetamido-2-deoxy-beta-D-glucopyranose
#
loop_
_entity_poly.entity_id
_entity_poly.type
_entity_poly.pdbx_seq_one_letter_code
_entity_poly.pdbx_strand_id
1 'polypeptide(L)'
;CNWTGVKCNRRGEVSEIQLKEKQLQGSLPVTSLRSLKSLTSLTLSSLQLTGVIPKEIGDFTELELLDLSDNSLSGDIPVE
IFRLKKLKTLSLNTNNLEGHIPMEIGNLSGLVELMLFDNKLSGEIPRSIGELKNLQVLRAGGNKNLRGELPWEIGNCENL
VMLGLAETSLSGKLPASIGNLKRVQTIAIYTSLLSGPIPDEIGYCTELQNLYLYQNSISGSIPTTIGGLKKLQSLLLWQN
NLVGKIPTELGNCPELWLIDFSENLLTGTIPRSFGKLENLQELQLSVNQISGTIPEELTNCTKLTHLEIDNNLITGEIPS
LMSNLRSLTMFFAWQNKLTGNIPQSLSQCRELQAIDLSYNSLSGSIPKEIFGLRNLTKLLLLSNDLSGFIPPDIGNCTNL
YRLRLNGNRLAGSIPSEIGNLKNLNFVDISENRLVGSIPPAISGCESLEFLDLHTNSLSGSLLGTTLPKSLKFIDFSDNA
LSSTLPPGIGLLTELTKLNLAKNRLSGEIPREISTCRSLQLLNLGENDFSGEIPDELGQIPSLAISLNLSCNRFVGEIPS
RFSDLKNLGVLDVSHNQLTGNLNVLTDLQNLVSLNISYNDFSGDLPNTPFFRRLPLSDLASNRGLYISNAIST
;
B
2 'polypeptide(L)' D(PTR)WKPRHHP(HZP)RNN A
#
# COMPACT_ATOMS: atom_id res chain seq x y z
N CYS A 1 45.48 -33.38 -8.16
CA CYS A 1 45.79 -32.16 -8.89
C CYS A 1 45.06 -30.99 -8.27
N ASN A 2 45.56 -30.48 -7.15
CA ASN A 2 44.85 -29.43 -6.44
C ASN A 2 45.55 -28.08 -6.48
N TRP A 3 45.00 -27.13 -7.25
CA TRP A 3 45.40 -25.74 -7.15
C TRP A 3 44.40 -25.10 -6.21
N THR A 4 43.21 -24.85 -6.75
CA THR A 4 42.03 -24.56 -5.98
C THR A 4 40.89 -24.86 -6.93
N GLY A 5 39.71 -25.14 -6.40
CA GLY A 5 38.55 -25.38 -7.24
C GLY A 5 38.54 -26.70 -8.01
N VAL A 6 39.65 -27.42 -7.96
CA VAL A 6 39.72 -28.72 -8.61
C VAL A 6 39.85 -29.80 -7.54
N LYS A 7 39.04 -30.85 -7.67
CA LYS A 7 39.10 -31.97 -6.74
C LYS A 7 39.24 -33.26 -7.53
N CYS A 8 39.97 -34.22 -6.97
CA CYS A 8 40.22 -35.48 -7.65
C CYS A 8 39.54 -36.62 -6.91
N ASN A 9 39.19 -37.68 -7.64
CA ASN A 9 38.75 -38.91 -6.99
C ASN A 9 39.98 -39.62 -6.41
N ARG A 10 39.78 -40.73 -5.71
CA ARG A 10 40.90 -41.45 -5.11
C ARG A 10 41.83 -42.05 -6.18
N ARG A 11 41.23 -42.58 -7.24
CA ARG A 11 41.95 -43.28 -8.29
C ARG A 11 42.87 -42.36 -9.10
N GLY A 12 42.81 -41.07 -8.79
CA GLY A 12 43.77 -40.11 -9.31
C GLY A 12 43.29 -39.27 -10.48
N GLU A 13 41.98 -39.29 -10.71
CA GLU A 13 41.38 -38.68 -11.90
C GLU A 13 40.54 -37.49 -11.47
N VAL A 14 40.34 -36.53 -12.38
CA VAL A 14 39.56 -35.34 -12.06
C VAL A 14 38.08 -35.65 -11.81
N SER A 15 37.58 -35.11 -10.70
CA SER A 15 36.33 -35.50 -10.09
C SER A 15 35.37 -34.32 -10.08
N GLU A 16 35.78 -33.24 -9.43
CA GLU A 16 34.91 -32.08 -9.24
C GLU A 16 35.58 -30.78 -9.68
N ILE A 17 34.84 -29.97 -10.41
CA ILE A 17 35.28 -28.64 -10.80
C ILE A 17 34.35 -27.61 -10.18
N GLN A 18 34.92 -26.63 -9.47
CA GLN A 18 34.11 -25.57 -8.89
C GLN A 18 34.73 -24.17 -8.98
N LEU A 19 34.00 -23.24 -9.60
CA LEU A 19 34.39 -21.84 -9.65
C LEU A 19 33.16 -20.94 -9.46
N LYS A 20 33.19 -20.08 -8.45
CA LYS A 20 32.14 -19.07 -8.28
C LYS A 20 32.64 -17.73 -7.74
N GLU A 21 31.77 -16.73 -7.86
CA GLU A 21 32.00 -15.40 -7.29
C GLU A 21 33.24 -14.72 -7.84
N LYS A 22 33.58 -15.06 -9.08
CA LYS A 22 34.63 -14.34 -9.79
C LYS A 22 33.96 -13.31 -10.69
N GLN A 23 34.76 -12.64 -11.53
CA GLN A 23 34.22 -11.76 -12.55
C GLN A 23 34.82 -12.17 -13.89
N LEU A 24 33.98 -12.33 -14.90
CA LEU A 24 34.43 -12.82 -16.19
C LEU A 24 33.55 -12.28 -17.31
N GLN A 25 33.71 -12.86 -18.49
CA GLN A 25 32.79 -12.68 -19.60
C GLN A 25 32.95 -13.88 -20.54
N GLY A 26 31.99 -14.07 -21.44
CA GLY A 26 32.15 -15.02 -22.53
C GLY A 26 31.59 -16.41 -22.31
N SER A 27 31.46 -17.17 -23.39
CA SER A 27 30.97 -18.54 -23.35
C SER A 27 31.97 -19.45 -22.66
N LEU A 28 31.48 -20.57 -22.14
CA LEU A 28 32.28 -21.55 -21.43
C LEU A 28 32.88 -22.59 -22.36
N LEU A 36 38.50 -34.71 -19.68
CA LEU A 36 38.32 -35.31 -18.36
C LEU A 36 36.92 -35.91 -18.22
N LYS A 37 36.79 -37.16 -18.64
CA LYS A 37 35.49 -37.80 -18.74
C LYS A 37 35.09 -38.52 -17.45
N SER A 38 35.88 -38.34 -16.40
CA SER A 38 35.54 -38.88 -15.08
C SER A 38 34.90 -37.86 -14.11
N LEU A 39 34.69 -36.64 -14.56
CA LEU A 39 34.15 -35.56 -13.72
C LEU A 39 32.74 -35.86 -13.19
N THR A 40 32.59 -35.85 -11.86
CA THR A 40 31.29 -36.10 -11.23
C THR A 40 30.44 -34.87 -10.90
N SER A 41 31.09 -33.71 -10.79
CA SER A 41 30.42 -32.51 -10.29
C SER A 41 30.94 -31.24 -10.99
N LEU A 42 30.05 -30.43 -11.55
CA LEU A 42 30.48 -29.24 -12.27
C LEU A 42 29.74 -27.98 -11.85
N THR A 43 30.46 -27.07 -11.21
CA THR A 43 29.87 -25.80 -10.79
C THR A 43 30.63 -24.65 -11.41
N LEU A 44 30.01 -24.01 -12.40
CA LEU A 44 30.45 -22.72 -12.87
C LEU A 44 29.28 -21.79 -12.58
N SER A 45 29.40 -20.97 -11.55
CA SER A 45 28.25 -20.24 -11.04
C SER A 45 28.66 -18.83 -10.67
N SER A 46 27.78 -17.87 -10.91
CA SER A 46 28.05 -16.47 -10.63
C SER A 46 29.30 -16.01 -11.38
N LEU A 47 29.47 -16.50 -12.60
CA LEU A 47 30.65 -16.15 -13.39
C LEU A 47 30.42 -15.09 -14.47
N GLN A 48 29.21 -14.57 -14.56
CA GLN A 48 28.84 -13.59 -15.59
C GLN A 48 29.01 -14.15 -17.02
N LEU A 49 28.98 -15.47 -17.16
CA LEU A 49 29.16 -16.13 -18.46
C LEU A 49 28.00 -15.85 -19.42
N THR A 50 28.31 -15.80 -20.71
CA THR A 50 27.31 -15.55 -21.74
C THR A 50 27.25 -16.71 -22.74
N GLY A 51 26.38 -16.57 -23.73
CA GLY A 51 26.27 -17.54 -24.80
C GLY A 51 25.27 -18.65 -24.52
N VAL A 52 25.51 -19.80 -25.17
CA VAL A 52 24.67 -20.97 -25.00
C VAL A 52 25.32 -21.96 -24.04
N ILE A 53 24.57 -23.02 -23.71
CA ILE A 53 25.10 -24.19 -23.02
C ILE A 53 25.44 -25.18 -24.13
N PRO A 54 26.71 -25.57 -24.24
CA PRO A 54 27.16 -26.50 -25.27
C PRO A 54 26.55 -27.88 -25.06
N LYS A 55 26.01 -28.46 -26.13
CA LYS A 55 25.37 -29.77 -26.09
C LYS A 55 26.37 -30.83 -25.63
N GLU A 56 27.64 -30.55 -25.84
CA GLU A 56 28.73 -31.44 -25.45
C GLU A 56 28.73 -31.74 -23.95
N ILE A 57 28.05 -30.89 -23.17
CA ILE A 57 27.85 -31.12 -21.74
C ILE A 57 27.30 -32.51 -21.48
N GLY A 58 26.39 -32.95 -22.34
CA GLY A 58 25.75 -34.25 -22.18
C GLY A 58 26.71 -35.42 -22.26
N ASP A 59 27.97 -35.14 -22.56
CA ASP A 59 28.97 -36.19 -22.71
C ASP A 59 29.65 -36.59 -21.39
N PHE A 60 29.47 -35.82 -20.32
CA PHE A 60 30.12 -36.21 -19.08
C PHE A 60 29.13 -37.10 -18.39
N THR A 61 29.40 -38.40 -18.46
CA THR A 61 28.38 -39.38 -18.15
C THR A 61 28.22 -39.56 -16.66
N GLU A 62 29.30 -39.26 -15.93
CA GLU A 62 29.31 -39.44 -14.49
C GLU A 62 28.83 -38.22 -13.73
N LEU A 63 28.41 -37.19 -14.46
CA LEU A 63 27.88 -35.99 -13.84
C LEU A 63 26.70 -36.27 -12.89
N GLU A 64 26.76 -35.63 -11.74
CA GLU A 64 25.84 -35.83 -10.64
C GLU A 64 25.28 -34.47 -10.25
N LEU A 65 26.19 -33.54 -10.00
CA LEU A 65 25.80 -32.13 -9.89
C LEU A 65 26.19 -31.34 -11.14
N LEU A 66 25.26 -30.54 -11.66
CA LEU A 66 25.58 -29.50 -12.64
C LEU A 66 24.94 -28.20 -12.15
N ASP A 67 25.74 -27.22 -11.77
CA ASP A 67 25.20 -25.92 -11.41
C ASP A 67 25.78 -24.82 -12.29
N LEU A 68 24.96 -24.33 -13.20
CA LEU A 68 25.30 -23.22 -14.08
C LEU A 68 24.65 -21.89 -13.67
N SER A 69 24.01 -21.90 -12.50
CA SER A 69 23.15 -20.80 -12.06
C SER A 69 23.86 -19.46 -11.87
N ASP A 70 23.05 -18.41 -11.89
CA ASP A 70 23.51 -17.03 -11.70
C ASP A 70 24.52 -16.57 -12.76
N ASN A 71 24.23 -16.90 -14.01
CA ASN A 71 25.02 -16.43 -15.13
C ASN A 71 24.11 -15.75 -16.13
N SER A 72 24.68 -15.41 -17.29
CA SER A 72 23.89 -14.88 -18.40
C SER A 72 23.49 -15.84 -19.52
N LEU A 73 23.69 -17.14 -19.35
CA LEU A 73 23.48 -18.10 -20.45
C LEU A 73 22.13 -17.97 -21.17
N SER A 74 22.16 -18.20 -22.49
CA SER A 74 20.98 -18.00 -23.35
C SER A 74 20.68 -19.27 -24.12
N GLY A 75 19.75 -19.15 -25.07
CA GLY A 75 19.39 -20.27 -25.92
C GLY A 75 18.60 -21.29 -25.14
N ASP A 76 18.44 -22.47 -25.73
CA ASP A 76 17.65 -23.51 -25.08
C ASP A 76 18.41 -24.21 -23.97
N ILE A 77 17.72 -25.12 -23.30
CA ILE A 77 18.38 -26.09 -22.44
C ILE A 77 18.59 -27.30 -23.33
N PRO A 78 19.84 -27.56 -23.73
CA PRO A 78 20.13 -28.63 -24.68
C PRO A 78 19.58 -29.97 -24.21
N VAL A 79 18.84 -30.69 -25.06
CA VAL A 79 18.24 -31.98 -24.68
C VAL A 79 19.32 -33.02 -24.32
N GLU A 80 20.53 -32.81 -24.82
CA GLU A 80 21.64 -33.70 -24.52
C GLU A 80 22.01 -33.63 -23.03
N ILE A 81 21.69 -32.50 -22.39
CA ILE A 81 21.86 -32.35 -20.96
C ILE A 81 21.12 -33.46 -20.23
N PHE A 82 20.03 -33.92 -20.84
CA PHE A 82 19.18 -34.94 -20.22
C PHE A 82 19.66 -36.36 -20.48
N ARG A 83 20.76 -36.47 -21.21
CA ARG A 83 21.42 -37.77 -21.38
C ARG A 83 22.16 -38.18 -20.12
N LEU A 84 22.29 -37.27 -19.16
CA LEU A 84 23.13 -37.58 -18.02
C LEU A 84 22.25 -38.27 -17.00
N LYS A 85 22.37 -39.59 -16.93
CA LYS A 85 21.45 -40.43 -16.19
C LYS A 85 21.86 -40.45 -14.71
N LYS A 86 23.04 -39.92 -14.43
CA LYS A 86 23.54 -39.88 -13.06
C LYS A 86 23.32 -38.56 -12.31
N LEU A 87 22.62 -37.61 -12.94
CA LEU A 87 22.42 -36.29 -12.35
C LEU A 87 21.41 -36.30 -11.21
N LYS A 88 21.85 -35.91 -10.01
CA LYS A 88 20.94 -35.68 -8.90
C LYS A 88 20.63 -34.21 -8.62
N THR A 89 21.43 -33.33 -9.19
CA THR A 89 21.20 -31.91 -9.05
C THR A 89 21.42 -31.26 -10.39
N LEU A 90 20.44 -30.48 -10.81
CA LEU A 90 20.61 -29.63 -11.97
C LEU A 90 20.18 -28.24 -11.53
N SER A 91 21.12 -27.30 -11.42
CA SER A 91 20.76 -25.90 -11.18
C SER A 91 21.04 -25.02 -12.39
N LEU A 92 19.99 -24.66 -13.11
CA LEU A 92 20.06 -23.69 -14.20
C LEU A 92 19.52 -22.28 -13.91
N ASN A 93 19.06 -22.05 -12.68
CA ASN A 93 18.35 -20.83 -12.32
C ASN A 93 19.12 -19.52 -12.47
N THR A 94 18.36 -18.42 -12.59
CA THR A 94 18.92 -17.08 -12.75
C THR A 94 19.86 -16.96 -13.96
N ASN A 95 19.29 -17.16 -15.14
CA ASN A 95 19.99 -17.04 -16.41
C ASN A 95 19.02 -16.43 -17.44
N ASN A 96 19.41 -16.45 -18.71
CA ASN A 96 18.50 -16.04 -19.78
C ASN A 96 17.78 -17.11 -20.61
N LEU A 97 17.90 -18.35 -20.18
CA LEU A 97 17.44 -19.50 -20.94
C LEU A 97 16.01 -19.39 -21.45
N GLU A 98 15.81 -19.82 -22.69
CA GLU A 98 14.48 -19.83 -23.27
C GLU A 98 14.10 -21.19 -23.83
N GLY A 99 12.88 -21.29 -24.34
CA GLY A 99 12.39 -22.55 -24.86
C GLY A 99 11.58 -23.36 -23.87
N HIS A 100 11.21 -24.56 -24.30
CA HIS A 100 10.48 -25.50 -23.46
C HIS A 100 11.39 -26.29 -22.54
N ILE A 101 10.82 -26.78 -21.45
CA ILE A 101 11.45 -27.84 -20.69
C ILE A 101 11.22 -29.09 -21.55
N PRO A 102 12.32 -29.69 -22.04
CA PRO A 102 12.17 -30.83 -22.95
C PRO A 102 11.51 -32.01 -22.23
N MET A 103 10.77 -32.83 -22.97
CA MET A 103 10.15 -34.04 -22.43
C MET A 103 11.20 -34.98 -21.83
N GLU A 104 12.37 -34.99 -22.44
CA GLU A 104 13.44 -35.90 -22.04
C GLU A 104 13.92 -35.66 -20.60
N ILE A 105 13.40 -34.60 -19.97
CA ILE A 105 13.60 -34.37 -18.55
C ILE A 105 13.25 -35.63 -17.77
N GLY A 106 12.23 -36.33 -18.23
CA GLY A 106 11.76 -37.52 -17.54
C GLY A 106 12.78 -38.65 -17.51
N ASN A 107 13.83 -38.52 -18.30
CA ASN A 107 14.86 -39.55 -18.37
C ASN A 107 15.91 -39.45 -17.26
N LEU A 108 15.93 -38.37 -16.50
CA LEU A 108 16.96 -38.26 -15.49
C LEU A 108 16.34 -38.91 -14.28
N SER A 109 16.67 -40.17 -14.07
CA SER A 109 15.87 -41.02 -13.20
C SER A 109 16.28 -40.83 -11.75
N GLY A 110 17.42 -40.21 -11.53
CA GLY A 110 17.91 -39.98 -10.18
C GLY A 110 17.87 -38.54 -9.73
N LEU A 111 17.30 -37.68 -10.56
CA LEU A 111 17.24 -36.24 -10.26
C LEU A 111 16.49 -35.99 -8.95
N VAL A 112 17.09 -35.17 -8.10
CA VAL A 112 16.54 -34.83 -6.79
C VAL A 112 16.18 -33.34 -6.74
N GLU A 113 17.19 -32.51 -7.01
CA GLU A 113 17.00 -31.06 -7.08
C GLU A 113 16.92 -30.61 -8.55
N LEU A 114 15.90 -29.82 -8.88
CA LEU A 114 15.83 -29.19 -10.20
C LEU A 114 15.49 -27.70 -10.05
N MET A 115 16.44 -26.83 -10.37
CA MET A 115 16.21 -25.39 -10.24
C MET A 115 16.24 -24.70 -11.61
N LEU A 116 15.06 -24.36 -12.13
CA LEU A 116 14.93 -23.58 -13.37
C LEU A 116 14.52 -22.12 -13.18
N PHE A 117 14.33 -21.69 -11.93
CA PHE A 117 13.66 -20.42 -11.66
C PHE A 117 14.43 -19.19 -12.16
N ASP A 118 13.71 -18.07 -12.29
CA ASP A 118 14.30 -16.82 -12.78
C ASP A 118 14.98 -16.94 -14.16
N ASN A 119 14.21 -17.42 -15.13
CA ASN A 119 14.70 -17.52 -16.50
C ASN A 119 13.72 -16.90 -17.47
N LYS A 120 13.99 -17.10 -18.76
CA LYS A 120 13.06 -16.75 -19.82
C LYS A 120 12.24 -17.91 -20.40
N LEU A 121 12.25 -19.06 -19.72
CA LEU A 121 11.58 -20.27 -20.21
C LEU A 121 10.10 -20.12 -20.57
N SER A 122 9.65 -20.89 -21.56
CA SER A 122 8.27 -20.85 -22.01
C SER A 122 7.72 -22.26 -22.18
N GLY A 123 6.50 -22.37 -22.72
CA GLY A 123 5.90 -23.66 -22.99
C GLY A 123 5.16 -24.25 -21.81
N GLU A 124 4.90 -25.55 -21.85
CA GLU A 124 4.27 -26.21 -20.73
C GLU A 124 5.30 -26.99 -19.90
N ILE A 125 4.84 -27.55 -18.79
CA ILE A 125 5.61 -28.49 -18.01
C ILE A 125 5.28 -29.87 -18.55
N PRO A 126 6.30 -30.57 -19.08
CA PRO A 126 6.13 -31.88 -19.71
C PRO A 126 5.42 -32.84 -18.77
N ARG A 127 4.65 -33.78 -19.31
CA ARG A 127 3.94 -34.74 -18.49
C ARG A 127 4.95 -35.76 -17.99
N SER A 128 6.17 -35.61 -18.50
CA SER A 128 7.30 -36.45 -18.15
C SER A 128 7.86 -36.27 -16.72
N ILE A 129 7.57 -35.13 -16.07
CA ILE A 129 8.09 -34.93 -14.71
C ILE A 129 7.66 -36.06 -13.81
N GLY A 130 6.50 -36.65 -14.12
CA GLY A 130 5.96 -37.73 -13.31
C GLY A 130 6.87 -38.94 -13.23
N GLU A 131 7.85 -39.01 -14.12
CA GLU A 131 8.76 -40.15 -14.10
C GLU A 131 9.96 -39.92 -13.19
N LEU A 132 10.03 -38.73 -12.59
CA LEU A 132 11.11 -38.47 -11.68
C LEU A 132 10.60 -38.87 -10.31
N LYS A 133 11.03 -40.04 -9.84
CA LYS A 133 10.50 -40.59 -8.60
C LYS A 133 11.24 -40.11 -7.36
N ASN A 134 12.46 -39.63 -7.57
CA ASN A 134 13.29 -39.12 -6.50
C ASN A 134 13.26 -37.61 -6.38
N LEU A 135 12.51 -36.96 -7.29
CA LEU A 135 12.46 -35.51 -7.28
C LEU A 135 11.91 -35.00 -5.96
N GLN A 136 12.61 -34.03 -5.40
CA GLN A 136 12.29 -33.47 -4.09
C GLN A 136 11.91 -32.00 -4.22
N VAL A 137 12.81 -31.23 -4.82
CA VAL A 137 12.59 -29.82 -5.08
C VAL A 137 12.51 -29.53 -6.58
N LEU A 138 11.39 -28.99 -7.02
CA LEU A 138 11.27 -28.43 -8.36
C LEU A 138 10.84 -26.99 -8.18
N ARG A 139 11.71 -26.06 -8.57
CA ARG A 139 11.33 -24.66 -8.55
C ARG A 139 11.62 -24.06 -9.91
N ALA A 140 10.52 -23.81 -10.64
CA ALA A 140 10.49 -23.19 -11.98
C ALA A 140 9.92 -21.76 -12.07
N GLY A 141 9.60 -21.15 -10.93
CA GLY A 141 8.97 -19.83 -10.90
C GLY A 141 9.80 -18.71 -11.50
N GLY A 142 9.18 -17.54 -11.67
CA GLY A 142 9.86 -16.44 -12.33
C GLY A 142 10.27 -16.75 -13.77
N ASN A 143 9.42 -17.51 -14.47
CA ASN A 143 9.41 -17.58 -15.92
C ASN A 143 8.03 -17.12 -16.38
N LYS A 144 7.94 -15.93 -16.98
CA LYS A 144 6.63 -15.34 -17.24
C LYS A 144 5.80 -16.13 -18.24
N ASN A 145 6.46 -16.73 -19.22
CA ASN A 145 5.75 -17.48 -20.24
C ASN A 145 5.65 -18.99 -20.08
N LEU A 146 6.13 -19.51 -18.95
CA LEU A 146 5.84 -20.89 -18.60
C LEU A 146 4.32 -20.94 -18.44
N ARG A 147 3.66 -21.79 -19.21
CA ARG A 147 2.20 -21.73 -19.33
C ARG A 147 1.60 -23.10 -19.27
N GLY A 148 0.29 -23.18 -19.41
CA GLY A 148 -0.38 -24.47 -19.44
C GLY A 148 -0.84 -24.83 -18.06
N GLU A 149 -1.61 -25.92 -17.97
CA GLU A 149 -2.03 -26.44 -16.68
C GLU A 149 -0.91 -27.25 -16.05
N LEU A 150 -0.86 -27.29 -14.73
CA LEU A 150 0.08 -28.17 -14.04
C LEU A 150 -0.31 -29.60 -14.41
N PRO A 151 0.64 -30.35 -15.00
CA PRO A 151 0.27 -31.69 -15.49
C PRO A 151 -0.12 -32.65 -14.38
N TRP A 152 -1.12 -33.46 -14.68
CA TRP A 152 -1.64 -34.48 -13.80
C TRP A 152 -0.50 -35.35 -13.24
N GLU A 153 0.47 -35.65 -14.09
CA GLU A 153 1.56 -36.55 -13.72
C GLU A 153 2.40 -36.07 -12.54
N ILE A 154 2.19 -34.82 -12.12
CA ILE A 154 2.91 -34.29 -10.98
C ILE A 154 2.63 -35.12 -9.73
N GLY A 155 1.50 -35.83 -9.73
CA GLY A 155 1.15 -36.62 -8.56
C GLY A 155 2.06 -37.83 -8.41
N ASN A 156 2.86 -38.09 -9.43
CA ASN A 156 3.71 -39.25 -9.41
C ASN A 156 5.08 -38.97 -8.84
N CYS A 157 5.35 -37.72 -8.51
CA CYS A 157 6.63 -37.47 -7.90
C CYS A 157 6.41 -37.64 -6.42
N GLU A 158 6.70 -38.83 -5.93
CA GLU A 158 6.27 -39.21 -4.58
C GLU A 158 7.08 -38.50 -3.50
N ASN A 159 8.30 -38.10 -3.84
CA ASN A 159 9.21 -37.50 -2.87
C ASN A 159 9.23 -35.97 -2.79
N LEU A 160 8.39 -35.28 -3.55
CA LEU A 160 8.41 -33.83 -3.57
C LEU A 160 8.15 -33.26 -2.18
N VAL A 161 8.96 -32.29 -1.81
CA VAL A 161 8.82 -31.51 -0.59
C VAL A 161 8.46 -30.08 -0.97
N MET A 162 9.19 -29.55 -1.94
CA MET A 162 9.11 -28.16 -2.37
C MET A 162 8.71 -28.06 -3.85
N LEU A 163 7.62 -27.36 -4.12
CA LEU A 163 7.18 -27.11 -5.50
C LEU A 163 6.84 -25.66 -5.71
N GLY A 164 7.57 -24.96 -6.57
CA GLY A 164 7.12 -23.63 -6.82
C GLY A 164 7.31 -23.22 -8.24
N LEU A 165 6.17 -22.70 -8.68
CA LEU A 165 5.82 -22.19 -9.98
C LEU A 165 5.45 -20.71 -9.99
N ALA A 166 5.79 -19.98 -8.95
CA ALA A 166 5.32 -18.60 -8.79
C ALA A 166 5.74 -17.66 -9.93
N GLU A 167 4.90 -16.65 -10.18
CA GLU A 167 5.16 -15.69 -11.25
C GLU A 167 5.37 -16.35 -12.60
N THR A 168 4.47 -17.29 -12.90
CA THR A 168 4.43 -17.92 -14.20
C THR A 168 3.05 -17.68 -14.80
N SER A 169 2.85 -18.18 -16.00
CA SER A 169 1.55 -18.10 -16.64
C SER A 169 0.72 -19.37 -16.46
N LEU A 170 1.16 -20.23 -15.55
CA LEU A 170 0.42 -21.46 -15.24
C LEU A 170 -1.05 -21.17 -14.98
N SER A 171 -1.91 -21.91 -15.67
CA SER A 171 -3.34 -21.63 -15.65
C SER A 171 -4.14 -22.87 -15.33
N GLY A 172 -5.46 -22.74 -15.34
CA GLY A 172 -6.33 -23.86 -15.02
C GLY A 172 -6.39 -24.23 -13.56
N LYS A 173 -7.09 -25.31 -13.25
CA LYS A 173 -7.20 -25.79 -11.87
C LYS A 173 -6.04 -26.71 -11.51
N LEU A 174 -5.58 -26.65 -10.26
CA LEU A 174 -4.58 -27.58 -9.80
C LEU A 174 -5.21 -28.95 -9.83
N PRO A 175 -4.49 -29.94 -10.37
CA PRO A 175 -5.05 -31.29 -10.55
C PRO A 175 -5.29 -31.98 -9.21
N ALA A 176 -6.29 -32.86 -9.16
CA ALA A 176 -6.60 -33.64 -7.97
C ALA A 176 -5.39 -34.52 -7.61
N SER A 177 -4.55 -34.73 -8.62
CA SER A 177 -3.27 -35.42 -8.51
C SER A 177 -2.45 -34.91 -7.32
N ILE A 178 -2.57 -33.62 -7.03
CA ILE A 178 -1.80 -32.99 -6.00
C ILE A 178 -1.94 -33.71 -4.66
N GLY A 179 -3.11 -34.32 -4.41
CA GLY A 179 -3.32 -35.05 -3.17
C GLY A 179 -2.46 -36.31 -2.97
N ASN A 180 -1.76 -36.73 -4.01
CA ASN A 180 -0.87 -37.87 -3.93
C ASN A 180 0.50 -37.48 -3.35
N LEU A 181 0.73 -36.18 -3.17
CA LEU A 181 2.05 -35.77 -2.74
C LEU A 181 2.00 -35.75 -1.24
N LYS A 182 2.51 -36.82 -0.64
CA LYS A 182 2.27 -37.07 0.76
C LYS A 182 3.39 -36.47 1.58
N ARG A 183 4.48 -36.13 0.90
CA ARG A 183 5.58 -35.44 1.53
C ARG A 183 5.75 -33.96 1.21
N VAL A 184 4.91 -33.40 0.34
CA VAL A 184 5.11 -31.99 -0.03
C VAL A 184 4.87 -31.04 1.16
N GLN A 185 5.79 -30.10 1.33
CA GLN A 185 5.78 -29.18 2.45
C GLN A 185 5.34 -27.78 2.03
N THR A 186 5.98 -27.26 1.00
CA THR A 186 5.63 -25.97 0.45
C THR A 186 5.14 -26.07 -1.01
N ILE A 187 3.93 -25.62 -1.26
CA ILE A 187 3.45 -25.40 -2.62
C ILE A 187 3.36 -23.89 -2.87
N ALA A 188 4.26 -23.35 -3.70
CA ALA A 188 4.18 -21.92 -4.00
C ALA A 188 3.87 -21.65 -5.47
N ILE A 189 2.60 -21.35 -5.74
CA ILE A 189 2.26 -20.91 -7.07
C ILE A 189 1.42 -19.66 -6.94
N TYR A 190 2.09 -18.52 -6.99
CA TYR A 190 1.45 -17.25 -6.67
C TYR A 190 1.81 -16.22 -7.72
N THR A 191 0.91 -15.25 -7.93
CA THR A 191 1.07 -14.27 -8.98
C THR A 191 1.21 -15.00 -10.32
N SER A 192 0.22 -15.84 -10.57
CA SER A 192 0.14 -16.66 -11.78
C SER A 192 -1.26 -16.54 -12.40
N LEU A 193 -1.55 -17.44 -13.34
CA LEU A 193 -2.84 -17.48 -14.04
C LEU A 193 -3.89 -18.51 -13.58
N LEU A 194 -3.67 -19.18 -12.46
CA LEU A 194 -4.62 -20.20 -11.99
C LEU A 194 -6.09 -19.77 -11.84
N SER A 195 -7.00 -20.67 -12.19
CA SER A 195 -8.44 -20.46 -12.00
C SER A 195 -9.11 -21.78 -11.63
N GLY A 196 -10.42 -21.75 -11.39
CA GLY A 196 -11.08 -22.92 -10.86
C GLY A 196 -10.80 -23.07 -9.36
N PRO A 197 -11.44 -24.07 -8.74
CA PRO A 197 -11.34 -24.29 -7.30
C PRO A 197 -10.05 -24.99 -6.87
N ILE A 198 -9.60 -24.70 -5.65
CA ILE A 198 -8.58 -25.50 -4.99
C ILE A 198 -9.22 -26.87 -4.86
N PRO A 199 -8.52 -27.92 -5.30
CA PRO A 199 -9.13 -29.25 -5.20
C PRO A 199 -9.15 -29.76 -3.76
N ASP A 200 -10.24 -30.41 -3.37
CA ASP A 200 -10.36 -31.01 -2.05
C ASP A 200 -9.25 -32.01 -1.75
N GLU A 201 -8.78 -32.69 -2.79
CA GLU A 201 -7.70 -33.66 -2.63
C GLU A 201 -6.45 -33.10 -1.97
N ILE A 202 -6.32 -31.77 -1.91
CA ILE A 202 -5.16 -31.16 -1.27
C ILE A 202 -5.11 -31.49 0.23
N GLY A 203 -6.26 -31.89 0.77
CA GLY A 203 -6.34 -32.32 2.15
C GLY A 203 -5.65 -33.65 2.40
N TYR A 204 -5.23 -34.32 1.33
CA TYR A 204 -4.50 -35.59 1.43
C TYR A 204 -3.00 -35.38 1.58
N CYS A 205 -2.54 -34.13 1.50
CA CYS A 205 -1.11 -33.90 1.54
C CYS A 205 -0.79 -33.66 2.99
N THR A 206 -0.26 -34.68 3.67
CA THR A 206 -0.33 -34.70 5.13
C THR A 206 0.73 -33.80 5.75
N GLU A 207 1.84 -33.67 5.04
CA GLU A 207 2.99 -32.84 5.44
C GLU A 207 2.90 -31.37 5.02
N LEU A 208 1.82 -30.97 4.34
CA LEU A 208 1.74 -29.58 3.88
C LEU A 208 1.83 -28.58 5.03
N GLN A 209 2.73 -27.62 4.85
CA GLN A 209 3.07 -26.60 5.84
C GLN A 209 2.65 -25.25 5.33
N ASN A 210 3.10 -24.92 4.11
CA ASN A 210 2.87 -23.61 3.51
C ASN A 210 2.14 -23.65 2.15
N LEU A 211 0.94 -23.08 2.11
CA LEU A 211 0.18 -23.03 0.87
C LEU A 211 0.10 -21.58 0.36
N TYR A 212 0.78 -21.26 -0.74
CA TYR A 212 0.74 -19.92 -1.30
C TYR A 212 0.16 -19.98 -2.70
N LEU A 213 -1.13 -19.66 -2.79
CA LEU A 213 -1.87 -19.49 -4.03
C LEU A 213 -2.27 -18.05 -4.36
N TYR A 214 -1.72 -17.07 -3.66
CA TYR A 214 -2.23 -15.70 -3.82
C TYR A 214 -2.04 -15.09 -5.23
N GLN A 215 -2.83 -14.06 -5.52
CA GLN A 215 -2.79 -13.38 -6.82
C GLN A 215 -3.01 -14.28 -8.04
N ASN A 216 -4.08 -15.04 -8.00
CA ASN A 216 -4.54 -15.80 -9.14
C ASN A 216 -6.01 -15.49 -9.29
N SER A 217 -6.71 -16.26 -10.13
CA SER A 217 -8.15 -16.16 -10.27
C SER A 217 -8.98 -17.25 -9.60
N ILE A 218 -8.36 -18.02 -8.72
CA ILE A 218 -9.00 -19.17 -8.11
C ILE A 218 -10.40 -18.84 -7.58
N SER A 219 -11.32 -19.75 -7.85
CA SER A 219 -12.73 -19.51 -7.58
C SER A 219 -13.20 -20.65 -6.73
N GLY A 220 -14.51 -20.75 -6.51
CA GLY A 220 -15.02 -21.77 -5.63
C GLY A 220 -14.78 -21.35 -4.19
N SER A 221 -14.89 -22.29 -3.26
CA SER A 221 -14.62 -21.98 -1.86
C SER A 221 -13.36 -22.69 -1.35
N ILE A 222 -12.99 -22.37 -0.11
CA ILE A 222 -11.81 -22.97 0.54
C ILE A 222 -12.20 -24.35 1.05
N PRO A 223 -11.55 -25.39 0.51
CA PRO A 223 -11.97 -26.73 0.88
C PRO A 223 -11.86 -27.01 2.37
N THR A 224 -12.91 -27.58 2.92
CA THR A 224 -12.98 -27.95 4.32
C THR A 224 -11.83 -28.90 4.71
N THR A 225 -11.40 -29.75 3.77
CA THR A 225 -10.34 -30.70 3.98
C THR A 225 -9.03 -30.08 4.43
N ILE A 226 -8.87 -28.79 4.15
CA ILE A 226 -7.67 -28.07 4.58
C ILE A 226 -7.51 -28.09 6.12
N GLY A 227 -8.60 -28.32 6.84
CA GLY A 227 -8.51 -28.40 8.29
C GLY A 227 -7.94 -29.71 8.82
N GLY A 228 -7.73 -30.67 7.92
CA GLY A 228 -7.20 -31.96 8.34
C GLY A 228 -5.72 -32.00 8.08
N LEU A 229 -5.14 -30.86 7.70
CA LEU A 229 -3.69 -30.80 7.54
C LEU A 229 -3.09 -30.33 8.89
N LYS A 230 -2.48 -31.25 9.62
CA LYS A 230 -2.07 -30.99 11.01
C LYS A 230 -0.76 -30.22 11.15
N LYS A 231 0.06 -30.23 10.09
CA LYS A 231 1.32 -29.49 10.10
C LYS A 231 1.24 -28.10 9.46
N LEU A 232 0.06 -27.72 8.98
CA LEU A 232 -0.13 -26.44 8.28
C LEU A 232 0.32 -25.21 9.09
N GLN A 233 1.13 -24.36 8.48
CA GLN A 233 1.67 -23.19 9.18
C GLN A 233 1.20 -21.89 8.54
N SER A 234 1.47 -21.72 7.26
CA SER A 234 1.08 -20.49 6.60
C SER A 234 0.16 -20.75 5.41
N LEU A 235 -0.95 -20.03 5.39
CA LEU A 235 -1.90 -20.16 4.31
C LEU A 235 -2.04 -18.77 3.64
N LEU A 236 -1.47 -18.60 2.45
CA LEU A 236 -1.69 -17.33 1.73
C LEU A 236 -2.56 -17.60 0.52
N LEU A 237 -3.80 -17.17 0.59
CA LEU A 237 -4.80 -17.32 -0.45
C LEU A 237 -5.30 -15.96 -0.96
N TRP A 238 -4.62 -14.91 -0.61
CA TRP A 238 -5.05 -13.56 -0.92
C TRP A 238 -5.09 -13.14 -2.42
N GLN A 239 -6.11 -12.34 -2.73
CA GLN A 239 -6.39 -11.84 -4.07
C GLN A 239 -6.74 -12.86 -5.17
N ASN A 240 -7.85 -13.51 -4.94
CA ASN A 240 -8.44 -14.54 -5.74
C ASN A 240 -9.94 -14.30 -5.79
N ASN A 241 -10.72 -15.18 -6.36
CA ASN A 241 -12.19 -15.11 -6.41
C ASN A 241 -12.93 -15.94 -5.39
N LEU A 242 -12.21 -16.40 -4.37
CA LEU A 242 -12.78 -17.33 -3.38
C LEU A 242 -14.11 -16.88 -2.78
N VAL A 243 -14.99 -17.86 -2.60
CA VAL A 243 -16.40 -17.66 -2.32
C VAL A 243 -16.79 -18.53 -1.12
N GLY A 244 -17.92 -18.29 -0.50
CA GLY A 244 -18.35 -19.13 0.61
C GLY A 244 -17.72 -18.78 1.94
N LYS A 245 -18.02 -19.61 2.94
CA LYS A 245 -17.54 -19.41 4.31
C LYS A 245 -16.13 -19.96 4.63
N ILE A 246 -15.45 -19.32 5.57
CA ILE A 246 -14.18 -19.82 6.09
C ILE A 246 -14.42 -21.15 6.79
N PRO A 247 -13.70 -22.20 6.38
CA PRO A 247 -13.88 -23.48 7.05
C PRO A 247 -13.60 -23.40 8.55
N THR A 248 -14.54 -23.90 9.33
CA THR A 248 -14.39 -24.03 10.76
C THR A 248 -13.17 -24.89 11.11
N GLU A 249 -12.96 -25.91 10.29
CA GLU A 249 -11.95 -26.91 10.53
C GLU A 249 -10.54 -26.35 10.63
N LEU A 250 -10.32 -25.12 10.14
CA LEU A 250 -9.02 -24.48 10.27
C LEU A 250 -8.59 -24.35 11.74
N GLY A 251 -9.55 -24.28 12.65
CA GLY A 251 -9.25 -24.27 14.07
C GLY A 251 -8.54 -25.53 14.56
N ASN A 252 -8.47 -26.54 13.71
CA ASN A 252 -7.83 -27.83 13.98
C ASN A 252 -6.37 -27.95 13.53
N CYS A 253 -5.76 -26.81 13.19
CA CYS A 253 -4.40 -26.81 12.67
C CYS A 253 -3.52 -26.10 13.71
N PRO A 254 -2.99 -26.86 14.67
CA PRO A 254 -2.32 -26.31 15.85
C PRO A 254 -1.14 -25.42 15.50
N GLU A 255 -0.52 -25.63 14.34
CA GLU A 255 0.68 -24.89 13.98
C GLU A 255 0.44 -23.65 13.14
N LEU A 256 -0.82 -23.28 12.92
CA LEU A 256 -1.09 -22.26 11.93
C LEU A 256 -0.78 -20.88 12.52
N TRP A 257 0.25 -20.23 11.98
CA TRP A 257 0.61 -18.92 12.50
C TRP A 257 0.22 -17.72 11.62
N LEU A 258 -0.04 -18.00 10.34
CA LEU A 258 -0.41 -16.95 9.39
C LEU A 258 -1.60 -17.42 8.53
N ILE A 259 -2.64 -16.58 8.48
CA ILE A 259 -3.79 -16.79 7.62
C ILE A 259 -4.08 -15.50 6.85
N ASP A 260 -3.96 -15.53 5.53
CA ASP A 260 -4.31 -14.35 4.75
C ASP A 260 -5.27 -14.72 3.62
N PHE A 261 -6.52 -14.32 3.82
CA PHE A 261 -7.62 -14.47 2.85
C PHE A 261 -8.02 -13.13 2.22
N SER A 262 -7.23 -12.09 2.44
CA SER A 262 -7.59 -10.76 1.96
C SER A 262 -7.97 -10.73 0.47
N GLU A 263 -8.86 -9.81 0.08
CA GLU A 263 -9.30 -9.62 -1.33
C GLU A 263 -9.92 -10.84 -1.98
N ASN A 264 -11.05 -11.26 -1.43
CA ASN A 264 -11.81 -12.35 -2.01
C ASN A 264 -13.28 -11.98 -1.90
N LEU A 265 -14.13 -12.98 -2.14
CA LEU A 265 -15.58 -12.86 -1.98
C LEU A 265 -16.18 -13.55 -0.75
N LEU A 266 -15.35 -13.97 0.19
CA LEU A 266 -15.82 -14.76 1.33
C LEU A 266 -16.99 -14.14 2.07
N THR A 267 -17.91 -15.00 2.51
CA THR A 267 -19.05 -14.57 3.32
C THR A 267 -19.12 -15.43 4.57
N GLY A 268 -20.17 -15.25 5.34
CA GLY A 268 -20.30 -15.95 6.58
C GLY A 268 -19.48 -15.21 7.63
N THR A 269 -19.16 -15.96 8.66
CA THR A 269 -18.77 -15.40 9.93
C THR A 269 -17.33 -15.80 10.24
N ILE A 270 -16.61 -14.99 11.03
CA ILE A 270 -15.30 -15.43 11.52
C ILE A 270 -15.51 -16.54 12.56
N PRO A 271 -14.97 -17.74 12.28
CA PRO A 271 -15.26 -18.91 13.13
C PRO A 271 -14.65 -18.88 14.54
N ARG A 272 -15.48 -19.23 15.51
CA ARG A 272 -15.11 -19.30 16.92
C ARG A 272 -13.94 -20.25 17.18
N SER A 273 -13.83 -21.28 16.33
CA SER A 273 -12.80 -22.32 16.45
C SER A 273 -11.38 -21.76 16.36
N PHE A 274 -11.25 -20.57 15.76
CA PHE A 274 -9.97 -19.89 15.64
C PHE A 274 -9.37 -19.67 17.02
N GLY A 275 -10.23 -19.59 18.02
CA GLY A 275 -9.77 -19.43 19.39
C GLY A 275 -8.80 -20.51 19.81
N LYS A 276 -8.88 -21.69 19.19
CA LYS A 276 -8.01 -22.79 19.54
C LYS A 276 -6.63 -22.69 18.87
N LEU A 277 -6.39 -21.66 18.05
CA LEU A 277 -5.10 -21.63 17.40
C LEU A 277 -4.15 -20.83 18.26
N GLU A 278 -3.28 -21.52 18.99
CA GLU A 278 -2.46 -20.90 20.02
C GLU A 278 -1.23 -20.26 19.43
N ASN A 279 -0.92 -20.65 18.19
CA ASN A 279 0.20 -20.06 17.46
C ASN A 279 -0.13 -18.94 16.44
N LEU A 280 -1.37 -18.48 16.36
CA LEU A 280 -1.70 -17.50 15.31
C LEU A 280 -1.10 -16.15 15.63
N GLN A 281 -0.16 -15.72 14.78
CA GLN A 281 0.40 -14.37 14.82
C GLN A 281 -0.35 -13.38 13.94
N GLU A 282 -0.75 -13.84 12.76
CA GLU A 282 -1.32 -12.92 11.79
C GLU A 282 -2.60 -13.43 11.14
N LEU A 283 -3.68 -12.65 11.32
CA LEU A 283 -4.96 -12.91 10.64
C LEU A 283 -5.34 -11.72 9.74
N GLN A 284 -5.27 -11.95 8.43
CA GLN A 284 -5.73 -10.97 7.45
C GLN A 284 -6.94 -11.51 6.70
N LEU A 285 -8.10 -10.96 7.02
CA LEU A 285 -9.36 -11.11 6.28
C LEU A 285 -9.81 -9.90 5.41
N SER A 286 -8.96 -8.89 5.30
CA SER A 286 -9.33 -7.63 4.64
C SER A 286 -9.96 -7.72 3.24
N VAL A 287 -10.96 -6.88 2.99
CA VAL A 287 -11.65 -6.83 1.69
C VAL A 287 -12.34 -8.15 1.32
N ASN A 288 -13.41 -8.42 2.04
CA ASN A 288 -14.29 -9.55 1.79
C ASN A 288 -15.71 -9.15 2.13
N GLN A 289 -16.58 -10.15 2.23
CA GLN A 289 -17.97 -9.95 2.66
C GLN A 289 -18.38 -10.46 4.04
N ILE A 290 -17.39 -10.81 4.85
CA ILE A 290 -17.61 -11.40 6.16
C ILE A 290 -18.56 -10.59 7.05
N SER A 291 -19.60 -11.28 7.53
CA SER A 291 -20.61 -10.72 8.44
C SER A 291 -20.42 -11.30 9.85
N GLY A 292 -21.33 -11.00 10.76
CA GLY A 292 -21.22 -11.51 12.13
C GLY A 292 -20.51 -10.51 13.02
N THR A 293 -20.15 -10.93 14.23
CA THR A 293 -19.41 -10.10 15.19
C THR A 293 -18.01 -10.68 15.36
N ILE A 294 -17.05 -9.87 15.78
CA ILE A 294 -15.77 -10.44 16.13
C ILE A 294 -16.02 -11.38 17.30
N PRO A 295 -15.71 -12.67 17.12
CA PRO A 295 -15.97 -13.64 18.19
C PRO A 295 -14.98 -13.48 19.34
N GLU A 296 -15.46 -13.60 20.57
CA GLU A 296 -14.61 -13.40 21.74
C GLU A 296 -13.47 -14.40 21.80
N GLU A 297 -13.69 -15.58 21.22
CA GLU A 297 -12.69 -16.63 21.27
C GLU A 297 -11.41 -16.26 20.54
N LEU A 298 -11.50 -15.27 19.65
CA LEU A 298 -10.34 -14.75 18.94
C LEU A 298 -9.37 -14.09 19.92
N THR A 299 -9.92 -13.56 21.01
CA THR A 299 -9.10 -12.99 22.06
C THR A 299 -8.31 -14.06 22.84
N ASN A 300 -8.59 -15.34 22.58
CA ASN A 300 -7.71 -16.40 23.11
C ASN A 300 -6.45 -16.70 22.30
N CYS A 301 -6.24 -16.05 21.15
CA CYS A 301 -5.02 -16.32 20.40
C CYS A 301 -3.97 -15.35 20.88
N THR A 302 -3.09 -15.82 21.74
CA THR A 302 -2.31 -14.94 22.60
C THR A 302 -1.14 -14.35 21.86
N LYS A 303 -0.75 -15.01 20.77
CA LYS A 303 0.40 -14.56 19.99
C LYS A 303 0.04 -13.63 18.83
N LEU A 304 -1.23 -13.25 18.68
CA LEU A 304 -1.63 -12.42 17.55
C LEU A 304 -0.90 -11.08 17.56
N THR A 305 -0.09 -10.83 16.54
CA THR A 305 0.43 -9.48 16.27
C THR A 305 -0.45 -8.62 15.34
N HIS A 306 -0.97 -9.24 14.29
CA HIS A 306 -1.66 -8.52 13.23
C HIS A 306 -3.09 -8.99 13.06
N LEU A 307 -4.05 -8.11 13.33
CA LEU A 307 -5.42 -8.43 13.01
C LEU A 307 -5.96 -7.40 12.03
N GLU A 308 -6.09 -7.81 10.77
CA GLU A 308 -6.66 -6.96 9.74
C GLU A 308 -7.94 -7.60 9.24
N ILE A 309 -9.05 -7.06 9.73
CA ILE A 309 -10.41 -7.43 9.35
C ILE A 309 -11.17 -6.35 8.56
N ASP A 310 -10.44 -5.37 8.07
CA ASP A 310 -11.07 -4.21 7.43
C ASP A 310 -11.83 -4.56 6.14
N ASN A 311 -12.69 -3.63 5.73
CA ASN A 311 -13.48 -3.75 4.52
C ASN A 311 -14.29 -5.04 4.45
N ASN A 312 -15.24 -5.15 5.39
CA ASN A 312 -16.16 -6.28 5.45
C ASN A 312 -17.54 -5.81 5.91
N LEU A 313 -18.36 -6.78 6.27
CA LEU A 313 -19.69 -6.55 6.85
C LEU A 313 -19.82 -6.74 8.38
N ILE A 314 -18.71 -6.81 9.10
CA ILE A 314 -18.76 -7.19 10.53
C ILE A 314 -19.56 -6.21 11.41
N THR A 315 -20.52 -6.73 12.14
CA THR A 315 -21.35 -5.91 13.02
C THR A 315 -20.97 -6.16 14.48
N GLY A 316 -21.60 -5.45 15.39
CA GLY A 316 -21.43 -5.72 16.80
C GLY A 316 -20.44 -4.76 17.43
N GLU A 317 -20.06 -5.09 18.67
CA GLU A 317 -19.10 -4.30 19.43
C GLU A 317 -17.71 -4.94 19.42
N ILE A 318 -16.68 -4.11 19.47
CA ILE A 318 -15.33 -4.59 19.67
C ILE A 318 -15.23 -5.17 21.06
N PRO A 319 -14.84 -6.44 21.17
CA PRO A 319 -14.83 -7.09 22.48
C PRO A 319 -13.78 -6.52 23.44
N SER A 320 -14.14 -6.36 24.71
CA SER A 320 -13.20 -5.84 25.71
C SER A 320 -12.07 -6.83 26.01
N LEU A 321 -12.35 -8.12 25.87
CA LEU A 321 -11.34 -9.17 26.11
C LEU A 321 -10.15 -9.06 25.17
N MET A 322 -10.23 -8.10 24.26
CA MET A 322 -9.11 -7.71 23.42
C MET A 322 -7.87 -7.39 24.25
N SER A 323 -8.06 -7.03 25.52
CA SER A 323 -6.92 -6.81 26.42
C SER A 323 -6.03 -8.06 26.54
N ASN A 324 -6.60 -9.23 26.31
CA ASN A 324 -5.81 -10.46 26.34
C ASN A 324 -4.77 -10.60 25.25
N LEU A 325 -4.92 -9.88 24.14
CA LEU A 325 -3.91 -10.03 23.11
C LEU A 325 -2.86 -8.99 23.44
N ARG A 326 -1.78 -9.46 24.07
CA ARG A 326 -0.80 -8.58 24.65
C ARG A 326 0.32 -8.31 23.68
N SER A 327 0.33 -9.07 22.60
CA SER A 327 1.32 -8.90 21.55
C SER A 327 0.82 -8.11 20.32
N LEU A 328 -0.45 -7.73 20.32
CA LEU A 328 -1.04 -7.05 19.16
C LEU A 328 -0.34 -5.73 18.83
N THR A 329 0.25 -5.69 17.63
CA THR A 329 0.86 -4.50 17.06
C THR A 329 -0.06 -3.66 16.18
N MET A 330 -0.95 -4.35 15.47
CA MET A 330 -1.73 -3.74 14.41
C MET A 330 -3.17 -4.21 14.48
N PHE A 331 -4.10 -3.25 14.59
CA PHE A 331 -5.51 -3.60 14.61
C PHE A 331 -6.26 -2.75 13.55
N PHE A 332 -6.63 -3.40 12.45
CA PHE A 332 -7.40 -2.74 11.39
C PHE A 332 -8.77 -3.39 11.28
N ALA A 333 -9.77 -2.68 11.79
CA ALA A 333 -11.20 -2.96 11.59
C ALA A 333 -11.99 -1.98 10.68
N TRP A 334 -11.30 -1.08 9.98
CA TRP A 334 -11.99 -0.02 9.23
C TRP A 334 -12.93 -0.51 8.12
N GLN A 335 -13.94 0.30 7.81
CA GLN A 335 -14.97 -0.03 6.80
C GLN A 335 -15.69 -1.31 7.18
N ASN A 336 -16.38 -1.23 8.31
CA ASN A 336 -17.29 -2.28 8.74
C ASN A 336 -18.58 -1.68 9.29
N LYS A 337 -19.40 -2.53 9.89
CA LYS A 337 -20.59 -2.14 10.65
C LYS A 337 -20.44 -2.06 12.19
N LEU A 338 -19.21 -2.00 12.70
CA LEU A 338 -18.99 -1.95 14.16
C LEU A 338 -19.75 -0.82 14.86
N THR A 339 -20.37 -1.12 16.01
CA THR A 339 -21.02 -0.11 16.87
C THR A 339 -20.51 -0.15 18.30
N GLY A 340 -21.03 0.77 19.12
CA GLY A 340 -20.69 0.79 20.53
C GLY A 340 -19.46 1.63 20.79
N ASN A 341 -19.04 1.67 22.06
CA ASN A 341 -17.82 2.36 22.46
C ASN A 341 -16.58 1.60 22.02
N ILE A 342 -15.54 2.35 21.70
CA ILE A 342 -14.20 1.78 21.63
C ILE A 342 -13.87 1.40 23.08
N PRO A 343 -13.54 0.12 23.32
CA PRO A 343 -13.20 -0.33 24.69
C PRO A 343 -11.89 0.25 25.19
N GLN A 344 -11.90 0.83 26.38
CA GLN A 344 -10.66 1.28 27.02
C GLN A 344 -9.61 0.17 27.19
N SER A 345 -10.07 -1.06 27.40
CA SER A 345 -9.17 -2.19 27.64
C SER A 345 -8.26 -2.48 26.46
N LEU A 346 -8.56 -1.87 25.34
CA LEU A 346 -7.69 -1.99 24.18
C LEU A 346 -6.32 -1.37 24.48
N SER A 347 -6.30 -0.41 25.40
CA SER A 347 -5.04 0.17 25.86
C SER A 347 -4.17 -0.80 26.66
N GLN A 348 -4.72 -1.92 27.12
CA GLN A 348 -3.87 -2.93 27.75
C GLN A 348 -3.01 -3.67 26.75
N CYS A 349 -3.24 -3.43 25.46
CA CYS A 349 -2.34 -3.97 24.47
C CYS A 349 -1.29 -2.87 24.34
N ARG A 350 -0.13 -3.09 24.97
CA ARG A 350 0.87 -2.05 25.18
C ARG A 350 1.70 -1.82 23.93
N GLU A 351 1.77 -2.83 23.08
CA GLU A 351 2.57 -2.80 21.85
C GLU A 351 1.86 -2.20 20.64
N LEU A 352 0.61 -1.77 20.76
CA LEU A 352 -0.11 -1.34 19.56
C LEU A 352 0.62 -0.23 18.79
N GLN A 353 0.98 -0.52 17.54
CA GLN A 353 1.57 0.48 16.66
C GLN A 353 0.54 1.28 15.86
N ALA A 354 -0.47 0.58 15.35
CA ALA A 354 -1.44 1.18 14.45
C ALA A 354 -2.84 0.69 14.77
N ILE A 355 -3.73 1.64 15.04
CA ILE A 355 -5.14 1.33 15.16
C ILE A 355 -5.90 2.08 14.05
N ASP A 356 -6.55 1.36 13.14
CA ASP A 356 -7.50 2.00 12.22
C ASP A 356 -8.89 1.40 12.37
N LEU A 357 -9.76 2.17 13.01
CA LEU A 357 -11.19 1.87 13.18
C LEU A 357 -12.17 2.70 12.30
N SER A 358 -11.65 3.44 11.32
CA SER A 358 -12.48 4.38 10.54
C SER A 358 -13.63 3.71 9.82
N TYR A 359 -14.63 4.51 9.47
CA TYR A 359 -15.78 4.04 8.70
C TYR A 359 -16.52 2.91 9.40
N ASN A 360 -17.04 3.25 10.56
CA ASN A 360 -17.93 2.40 11.31
C ASN A 360 -18.99 3.26 11.98
N SER A 361 -19.76 2.63 12.84
CA SER A 361 -20.73 3.29 13.69
C SER A 361 -20.33 3.55 15.14
N LEU A 362 -19.04 3.42 15.44
CA LEU A 362 -18.57 3.61 16.81
C LEU A 362 -19.08 4.91 17.44
N SER A 363 -19.57 4.79 18.67
CA SER A 363 -20.07 5.95 19.41
C SER A 363 -19.37 6.09 20.75
N GLY A 364 -19.78 7.10 21.52
CA GLY A 364 -19.16 7.34 22.80
C GLY A 364 -17.94 8.23 22.67
N SER A 365 -17.26 8.44 23.80
CA SER A 365 -16.01 9.19 23.82
C SER A 365 -14.85 8.33 23.37
N ILE A 366 -13.78 8.97 22.91
CA ILE A 366 -12.56 8.23 22.70
C ILE A 366 -11.93 8.00 24.08
N PRO A 367 -11.72 6.72 24.44
CA PRO A 367 -11.20 6.37 25.76
C PRO A 367 -9.83 7.00 25.95
N LYS A 368 -9.64 7.64 27.11
CA LYS A 368 -8.40 8.33 27.42
C LYS A 368 -7.22 7.36 27.35
N GLU A 369 -7.46 6.12 27.76
CA GLU A 369 -6.40 5.16 27.94
C GLU A 369 -5.68 4.83 26.65
N ILE A 370 -6.37 4.93 25.53
CA ILE A 370 -5.76 4.61 24.25
C ILE A 370 -4.58 5.56 23.95
N PHE A 371 -4.63 6.76 24.52
CA PHE A 371 -3.57 7.74 24.31
C PHE A 371 -2.38 7.47 25.24
N GLY A 372 -2.53 6.50 26.13
CA GLY A 372 -1.44 6.08 26.99
C GLY A 372 -0.46 5.15 26.28
N LEU A 373 -0.79 4.73 25.06
CA LEU A 373 0.11 3.85 24.33
C LEU A 373 1.36 4.63 23.89
N ARG A 374 2.53 4.13 24.31
CA ARG A 374 3.77 4.86 24.07
C ARG A 374 4.36 4.51 22.72
N ASN A 375 3.89 3.41 22.16
CA ASN A 375 4.29 3.01 20.80
C ASN A 375 3.31 3.26 19.64
N LEU A 376 2.17 3.88 19.88
CA LEU A 376 1.17 4.04 18.84
C LEU A 376 1.59 5.17 17.88
N THR A 377 1.87 4.81 16.62
CA THR A 377 2.16 5.82 15.58
C THR A 377 0.92 6.33 14.85
N LYS A 378 -0.03 5.44 14.63
CA LYS A 378 -1.19 5.75 13.81
C LYS A 378 -2.48 5.51 14.58
N LEU A 379 -3.27 6.56 14.70
CA LEU A 379 -4.61 6.44 15.28
C LEU A 379 -5.61 7.01 14.27
N LEU A 380 -6.43 6.12 13.70
CA LEU A 380 -7.40 6.54 12.69
C LEU A 380 -8.79 6.06 13.09
N LEU A 381 -9.55 7.05 13.57
CA LEU A 381 -10.94 6.91 14.01
C LEU A 381 -11.98 7.62 13.12
N LEU A 382 -11.53 8.08 11.95
CA LEU A 382 -12.35 8.94 11.10
C LEU A 382 -13.66 8.31 10.65
N SER A 383 -14.65 9.14 10.39
CA SER A 383 -15.99 8.66 10.00
C SER A 383 -16.62 7.63 10.96
N ASN A 384 -17.07 8.11 12.09
CA ASN A 384 -17.83 7.31 13.03
C ASN A 384 -18.85 8.23 13.66
N ASP A 385 -19.50 7.77 14.72
CA ASP A 385 -20.38 8.60 15.54
C ASP A 385 -19.77 9.14 16.83
N LEU A 386 -18.44 9.12 16.92
CA LEU A 386 -17.74 9.52 18.16
C LEU A 386 -17.99 10.97 18.60
N SER A 387 -18.31 11.14 19.88
CA SER A 387 -18.51 12.46 20.46
C SER A 387 -17.66 12.66 21.72
N GLY A 388 -17.90 13.75 22.44
CA GLY A 388 -17.15 14.05 23.65
C GLY A 388 -15.89 14.85 23.35
N PHE A 389 -15.10 15.11 24.39
CA PHE A 389 -13.87 15.90 24.27
C PHE A 389 -12.75 15.05 23.74
N ILE A 390 -11.78 15.69 23.10
CA ILE A 390 -10.49 15.08 22.91
C ILE A 390 -9.79 15.18 24.25
N PRO A 391 -9.49 14.02 24.87
CA PRO A 391 -8.91 13.94 26.21
C PRO A 391 -7.61 14.73 26.32
N PRO A 392 -7.37 15.39 27.46
CA PRO A 392 -6.05 16.02 27.64
C PRO A 392 -4.94 14.97 27.62
N ASP A 393 -5.26 13.74 28.01
CA ASP A 393 -4.25 12.68 28.00
C ASP A 393 -3.63 12.44 26.65
N ILE A 394 -4.18 13.08 25.60
CA ILE A 394 -3.62 13.00 24.25
C ILE A 394 -2.13 13.39 24.27
N GLY A 395 -1.74 14.24 25.21
CA GLY A 395 -0.33 14.60 25.35
C GLY A 395 0.61 13.44 25.70
N ASN A 396 0.07 12.38 26.28
CA ASN A 396 0.81 11.17 26.65
C ASN A 396 1.28 10.31 25.47
N CYS A 397 0.68 10.45 24.29
CA CYS A 397 0.92 9.45 23.25
C CYS A 397 2.14 9.93 22.48
N THR A 398 3.28 9.37 22.89
CA THR A 398 4.56 10.03 22.69
C THR A 398 5.01 9.93 21.25
N ASN A 399 4.73 8.79 20.63
CA ASN A 399 5.16 8.48 19.28
C ASN A 399 4.11 8.70 18.20
N LEU A 400 2.96 9.26 18.57
CA LEU A 400 1.89 9.48 17.59
C LEU A 400 2.41 10.26 16.41
N TYR A 401 2.23 9.69 15.23
CA TYR A 401 2.70 10.27 13.98
C TYR A 401 1.52 10.81 13.15
N ARG A 402 0.60 9.90 12.82
CA ARG A 402 -0.59 10.20 12.02
C ARG A 402 -1.86 10.05 12.86
N LEU A 403 -2.58 11.16 12.99
CA LEU A 403 -3.81 11.22 13.77
C LEU A 403 -4.99 11.70 12.91
N ARG A 404 -6.00 10.85 12.75
CA ARG A 404 -7.20 11.28 12.02
C ARG A 404 -8.47 10.99 12.80
N LEU A 405 -9.05 12.06 13.33
CA LEU A 405 -10.30 12.03 14.08
C LEU A 405 -11.50 12.59 13.31
N ASN A 406 -11.26 12.94 12.05
CA ASN A 406 -12.25 13.65 11.23
C ASN A 406 -13.54 12.90 10.93
N GLY A 407 -14.65 13.63 10.80
CA GLY A 407 -15.92 12.99 10.51
C GLY A 407 -16.58 12.33 11.70
N ASN A 408 -16.64 13.08 12.80
CA ASN A 408 -17.32 12.66 14.03
C ASN A 408 -18.08 13.85 14.63
N ARG A 409 -18.57 13.67 15.86
CA ARG A 409 -19.25 14.72 16.64
C ARG A 409 -18.44 15.39 17.74
N LEU A 410 -17.12 15.23 17.71
CA LEU A 410 -16.25 15.70 18.82
C LEU A 410 -16.50 17.14 19.24
N ALA A 411 -16.55 17.38 20.55
CA ALA A 411 -16.88 18.71 21.09
C ALA A 411 -15.78 19.31 21.96
N GLY A 412 -15.99 20.55 22.41
CA GLY A 412 -14.98 21.25 23.19
C GLY A 412 -13.75 21.72 22.42
N SER A 413 -12.79 22.28 23.17
CA SER A 413 -11.56 22.83 22.60
C SER A 413 -10.49 21.80 22.27
N ILE A 414 -9.60 22.15 21.37
CA ILE A 414 -8.43 21.33 21.11
C ILE A 414 -7.50 21.48 22.30
N PRO A 415 -7.28 20.38 23.03
CA PRO A 415 -6.54 20.38 24.28
C PRO A 415 -5.09 20.76 24.04
N SER A 416 -4.61 21.68 24.86
CA SER A 416 -3.32 22.33 24.68
C SER A 416 -2.12 21.38 24.77
N GLU A 417 -2.32 20.27 25.47
CA GLU A 417 -1.23 19.32 25.67
C GLU A 417 -0.88 18.54 24.40
N ILE A 418 -1.62 18.79 23.32
CA ILE A 418 -1.26 18.22 22.03
C ILE A 418 0.08 18.82 21.62
N GLY A 419 0.41 19.98 22.20
CA GLY A 419 1.68 20.61 21.93
C GLY A 419 2.84 19.77 22.43
N ASN A 420 2.53 18.78 23.25
CA ASN A 420 3.52 17.90 23.83
C ASN A 420 4.06 16.86 22.83
N LEU A 421 3.38 16.69 21.71
CA LEU A 421 3.72 15.61 20.77
C LEU A 421 4.69 16.08 19.70
N LYS A 422 5.93 15.58 19.78
CA LYS A 422 7.01 16.05 18.93
C LYS A 422 7.19 15.26 17.63
N ASN A 423 6.57 14.09 17.53
CA ASN A 423 6.63 13.34 16.27
C ASN A 423 5.38 13.48 15.37
N LEU A 424 4.36 14.18 15.86
CA LEU A 424 3.08 14.19 15.18
C LEU A 424 3.26 14.95 13.85
N ASN A 425 3.08 14.22 12.75
CA ASN A 425 3.26 14.75 11.42
C ASN A 425 2.00 15.32 10.79
N PHE A 426 0.92 14.58 10.98
CA PHE A 426 -0.27 14.70 10.19
C PHE A 426 -1.44 14.62 11.16
N VAL A 427 -2.26 15.65 11.15
CA VAL A 427 -3.42 15.72 12.03
C VAL A 427 -4.68 16.20 11.26
N ASP A 428 -5.70 15.36 11.23
CA ASP A 428 -6.98 15.72 10.62
C ASP A 428 -8.07 15.58 11.68
N ILE A 429 -8.56 16.73 12.15
CA ILE A 429 -9.75 16.86 13.02
C ILE A 429 -11.02 17.46 12.36
N SER A 430 -10.99 17.59 11.03
CA SER A 430 -12.05 18.29 10.34
C SER A 430 -13.41 17.61 10.56
N GLU A 431 -14.48 18.37 10.35
CA GLU A 431 -15.85 17.87 10.44
C GLU A 431 -16.18 17.30 11.82
N ASN A 432 -16.16 18.19 12.80
CA ASN A 432 -16.57 17.89 14.14
C ASN A 432 -17.24 19.14 14.69
N ARG A 433 -17.50 19.18 15.99
CA ARG A 433 -18.06 20.31 16.72
C ARG A 433 -17.09 21.14 17.56
N LEU A 434 -15.79 21.02 17.31
CA LEU A 434 -14.79 21.71 18.13
C LEU A 434 -15.04 23.20 18.31
N VAL A 435 -14.74 23.72 19.48
CA VAL A 435 -14.96 25.13 19.75
C VAL A 435 -13.71 25.82 20.27
N GLY A 436 -13.88 27.07 20.65
CA GLY A 436 -12.79 27.88 21.16
C GLY A 436 -11.68 28.13 20.16
N SER A 437 -10.58 28.63 20.66
CA SER A 437 -9.42 28.95 19.83
C SER A 437 -8.57 27.77 19.47
N ILE A 438 -7.76 27.94 18.43
CA ILE A 438 -6.65 27.06 18.17
C ILE A 438 -5.58 27.37 19.22
N PRO A 439 -5.25 26.38 20.07
CA PRO A 439 -4.31 26.57 21.20
C PRO A 439 -2.90 26.97 20.76
N PRO A 440 -2.35 28.05 21.33
CA PRO A 440 -1.00 28.54 21.03
C PRO A 440 0.04 27.45 21.20
N ALA A 441 -0.19 26.57 22.17
CA ALA A 441 0.75 25.50 22.49
C ALA A 441 0.97 24.53 21.34
N ILE A 442 0.08 24.54 20.33
CA ILE A 442 0.30 23.67 19.18
C ILE A 442 1.58 24.07 18.45
N SER A 443 2.13 25.24 18.77
CA SER A 443 3.42 25.69 18.25
C SER A 443 4.53 24.71 18.66
N GLY A 444 4.21 23.84 19.60
CA GLY A 444 5.15 22.85 20.09
C GLY A 444 5.21 21.56 19.29
N CYS A 445 4.38 21.41 18.26
CA CYS A 445 4.52 20.21 17.47
C CYS A 445 5.49 20.58 16.38
N GLU A 446 6.74 20.18 16.58
CA GLU A 446 7.84 20.65 15.75
C GLU A 446 7.93 19.88 14.44
N SER A 447 7.26 18.74 14.40
CA SER A 447 7.26 17.88 13.22
C SER A 447 6.03 18.06 12.33
N LEU A 448 5.10 18.93 12.72
CA LEU A 448 3.77 18.90 12.14
C LEU A 448 3.78 19.49 10.73
N GLU A 449 3.49 18.65 9.73
CA GLU A 449 3.38 19.14 8.37
C GLU A 449 1.97 19.32 7.79
N PHE A 450 0.98 18.69 8.39
CA PHE A 450 -0.36 18.69 7.82
C PHE A 450 -1.36 18.94 8.92
N LEU A 451 -2.09 20.05 8.84
CA LEU A 451 -3.06 20.40 9.85
C LEU A 451 -4.40 20.73 9.17
N ASP A 452 -5.38 19.85 9.36
CA ASP A 452 -6.70 20.04 8.80
C ASP A 452 -7.73 20.18 9.92
N LEU A 453 -8.18 21.41 10.16
CA LEU A 453 -9.26 21.71 11.11
C LEU A 453 -10.66 22.06 10.51
N HIS A 454 -10.83 21.91 9.20
CA HIS A 454 -12.02 22.47 8.53
C HIS A 454 -13.39 21.95 9.00
N THR A 455 -14.42 22.78 8.90
CA THR A 455 -15.77 22.40 9.32
C THR A 455 -15.86 22.06 10.81
N ASN A 456 -15.66 23.09 11.61
CA ASN A 456 -15.89 23.04 13.03
C ASN A 456 -16.41 24.40 13.43
N SER A 457 -16.54 24.61 14.72
CA SER A 457 -16.92 25.88 15.29
C SER A 457 -15.74 26.71 15.82
N LEU A 458 -14.55 26.39 15.35
CA LEU A 458 -13.36 27.10 15.82
C LEU A 458 -13.52 28.62 15.76
N SER A 459 -13.08 29.31 16.79
CA SER A 459 -13.33 30.75 16.89
C SER A 459 -12.13 31.57 17.31
N GLY A 460 -12.33 32.89 17.37
CA GLY A 460 -11.30 33.80 17.84
C GLY A 460 -10.32 34.18 16.75
N SER A 461 -9.13 34.58 17.17
CA SER A 461 -8.16 35.15 16.26
C SER A 461 -7.11 34.13 15.90
N LEU A 462 -6.20 34.53 15.02
CA LEU A 462 -5.24 33.62 14.40
C LEU A 462 -3.85 34.26 14.43
N LEU A 463 -2.89 33.61 15.08
CA LEU A 463 -1.56 34.22 15.22
C LEU A 463 -0.44 33.38 14.59
N GLY A 464 0.62 34.05 14.13
CA GLY A 464 1.80 33.37 13.62
C GLY A 464 2.51 32.55 14.68
N THR A 465 2.55 33.06 15.91
CA THR A 465 3.18 32.36 17.04
C THR A 465 2.44 31.09 17.42
N THR A 466 1.19 31.00 16.95
CA THR A 466 0.32 29.92 17.31
C THR A 466 0.62 28.68 16.47
N LEU A 467 1.38 28.83 15.39
CA LEU A 467 1.58 27.69 14.48
C LEU A 467 3.05 27.32 14.23
N PRO A 468 3.33 26.00 14.14
CA PRO A 468 4.70 25.53 13.90
C PRO A 468 5.18 25.80 12.48
N LYS A 469 6.45 26.16 12.35
CA LYS A 469 6.97 26.67 11.08
C LYS A 469 7.29 25.56 10.08
N SER A 470 7.07 24.32 10.49
CA SER A 470 7.29 23.17 9.63
C SER A 470 6.07 22.82 8.80
N LEU A 471 4.97 23.55 9.03
CA LEU A 471 3.70 23.34 8.32
C LEU A 471 3.78 23.44 6.78
N LYS A 472 3.16 22.47 6.15
CA LYS A 472 3.09 22.35 4.71
C LYS A 472 1.64 22.65 4.30
N PHE A 473 0.72 21.87 4.88
CA PHE A 473 -0.69 21.98 4.59
C PHE A 473 -1.48 22.58 5.76
N ILE A 474 -2.29 23.61 5.47
CA ILE A 474 -3.19 24.19 6.46
C ILE A 474 -4.60 24.33 5.91
N ASP A 475 -5.58 23.70 6.54
CA ASP A 475 -6.97 23.95 6.18
C ASP A 475 -7.80 24.28 7.42
N PHE A 476 -8.13 25.57 7.58
CA PHE A 476 -8.99 26.07 8.65
C PHE A 476 -10.39 26.44 8.15
N SER A 477 -10.69 26.10 6.91
CA SER A 477 -11.91 26.55 6.27
C SER A 477 -13.17 26.09 7.00
N ASP A 478 -14.23 26.87 6.82
CA ASP A 478 -15.53 26.58 7.42
C ASP A 478 -15.45 26.59 8.95
N ASN A 479 -15.12 27.75 9.49
CA ASN A 479 -15.15 27.98 10.92
C ASN A 479 -15.70 29.39 11.18
N ALA A 480 -15.64 29.81 12.44
CA ALA A 480 -15.93 31.18 12.84
C ALA A 480 -14.72 32.09 13.13
N LEU A 481 -13.53 31.71 12.67
CA LEU A 481 -12.30 32.48 12.91
C LEU A 481 -12.43 33.97 12.54
N SER A 482 -11.81 34.85 13.33
CA SER A 482 -11.96 36.30 13.12
C SER A 482 -10.69 37.13 13.31
N SER A 483 -10.92 38.44 13.30
CA SER A 483 -9.88 39.47 13.18
C SER A 483 -9.03 39.29 11.94
N THR A 484 -7.74 39.61 12.03
CA THR A 484 -6.93 39.75 10.83
C THR A 484 -5.97 38.60 10.61
N LEU A 485 -5.71 38.28 9.36
CA LEU A 485 -4.68 37.34 9.00
C LEU A 485 -3.35 37.95 9.42
N PRO A 486 -2.67 37.31 10.39
CA PRO A 486 -1.51 37.91 11.04
C PRO A 486 -0.33 38.06 10.07
N PRO A 487 0.49 39.10 10.28
CA PRO A 487 1.67 39.27 9.42
C PRO A 487 2.58 38.06 9.52
N GLY A 488 2.59 37.45 10.71
CA GLY A 488 3.44 36.31 11.00
C GLY A 488 3.13 35.08 10.16
N ILE A 489 2.08 35.15 9.37
CA ILE A 489 1.80 34.09 8.41
C ILE A 489 2.99 33.98 7.46
N GLY A 490 3.73 35.08 7.29
CA GLY A 490 4.91 35.07 6.46
C GLY A 490 6.06 34.27 7.05
N LEU A 491 5.87 33.73 8.26
CA LEU A 491 6.90 32.90 8.89
C LEU A 491 6.88 31.46 8.42
N LEU A 492 5.75 31.00 7.91
CA LEU A 492 5.72 29.62 7.45
C LEU A 492 6.14 29.61 5.99
N THR A 493 7.38 29.19 5.75
CA THR A 493 8.00 29.22 4.43
C THR A 493 7.95 27.86 3.77
N GLU A 494 7.39 26.88 4.47
CA GLU A 494 7.20 25.55 3.92
C GLU A 494 5.78 25.38 3.41
N LEU A 495 4.95 26.39 3.62
CA LEU A 495 3.52 26.23 3.40
C LEU A 495 3.27 26.06 1.89
N THR A 496 2.76 24.89 1.53
CA THR A 496 2.35 24.62 0.15
C THR A 496 0.90 25.07 -0.15
N LYS A 497 0.03 24.84 0.83
CA LYS A 497 -1.40 24.99 0.67
C LYS A 497 -1.99 25.63 1.91
N LEU A 498 -2.69 26.75 1.71
CA LEU A 498 -3.33 27.46 2.82
C LEU A 498 -4.78 27.76 2.47
N ASN A 499 -5.70 27.15 3.22
CA ASN A 499 -7.11 27.37 3.02
C ASN A 499 -7.75 27.91 4.30
N LEU A 500 -8.11 29.19 4.26
CA LEU A 500 -8.84 29.89 5.32
C LEU A 500 -10.31 30.15 5.05
N ALA A 501 -10.80 29.57 3.96
CA ALA A 501 -12.09 29.98 3.36
C ALA A 501 -13.29 29.76 4.26
N LYS A 502 -14.33 30.56 4.05
CA LYS A 502 -15.55 30.50 4.86
C LYS A 502 -15.28 30.73 6.35
N ASN A 503 -14.77 31.92 6.65
CA ASN A 503 -14.61 32.37 8.02
C ASN A 503 -15.13 33.81 8.14
N ARG A 504 -14.91 34.40 9.31
CA ARG A 504 -15.17 35.81 9.63
C ARG A 504 -13.93 36.71 9.52
N LEU A 505 -12.88 36.23 8.86
CA LEU A 505 -11.62 36.97 8.77
C LEU A 505 -11.76 38.36 8.13
N SER A 506 -10.88 39.30 8.50
CA SER A 506 -11.02 40.71 8.08
C SER A 506 -9.68 41.47 7.99
N GLY A 507 -9.77 42.75 7.61
CA GLY A 507 -8.59 43.55 7.38
C GLY A 507 -7.98 43.33 6.00
N GLU A 508 -6.82 43.94 5.77
CA GLU A 508 -6.08 43.74 4.53
C GLU A 508 -5.37 42.39 4.54
N ILE A 509 -4.98 41.93 3.35
CA ILE A 509 -4.02 40.85 3.23
C ILE A 509 -2.65 41.44 3.49
N PRO A 510 -1.98 40.99 4.57
CA PRO A 510 -0.66 41.51 4.95
C PRO A 510 0.35 41.23 3.85
N ARG A 511 1.19 42.21 3.54
CA ARG A 511 2.19 42.07 2.49
C ARG A 511 3.21 40.96 2.81
N GLU A 512 3.29 40.60 4.08
CA GLU A 512 4.18 39.54 4.57
C GLU A 512 3.90 38.20 3.90
N ILE A 513 2.67 38.04 3.38
CA ILE A 513 2.29 36.86 2.60
C ILE A 513 3.30 36.61 1.47
N SER A 514 3.95 37.67 1.02
CA SER A 514 4.96 37.57 -0.03
C SER A 514 6.13 36.64 0.30
N THR A 515 6.39 36.42 1.59
CA THR A 515 7.49 35.53 2.00
C THR A 515 7.12 34.07 2.18
N CYS A 516 5.90 33.67 1.79
CA CYS A 516 5.64 32.25 1.77
C CYS A 516 6.01 31.81 0.38
N ARG A 517 7.21 31.23 0.26
CA ARG A 517 7.82 31.05 -1.05
C ARG A 517 7.39 29.73 -1.65
N SER A 518 6.78 28.90 -0.83
CA SER A 518 6.37 27.58 -1.28
C SER A 518 4.89 27.48 -1.63
N LEU A 519 4.17 28.61 -1.56
CA LEU A 519 2.72 28.53 -1.58
C LEU A 519 2.19 28.27 -2.98
N GLN A 520 1.63 27.08 -3.17
CA GLN A 520 0.95 26.68 -4.40
C GLN A 520 -0.54 27.05 -4.42
N LEU A 521 -1.20 26.93 -3.28
CA LEU A 521 -2.64 27.10 -3.24
C LEU A 521 -3.00 28.06 -2.14
N LEU A 522 -3.78 29.09 -2.48
CA LEU A 522 -4.25 30.02 -1.46
C LEU A 522 -5.76 30.26 -1.60
N ASN A 523 -6.50 29.83 -0.59
CA ASN A 523 -7.93 30.08 -0.55
C ASN A 523 -8.33 31.00 0.60
N LEU A 524 -8.65 32.23 0.23
CA LEU A 524 -9.23 33.25 1.11
C LEU A 524 -10.73 33.49 0.93
N GLY A 525 -11.38 32.66 0.13
CA GLY A 525 -12.79 32.84 -0.18
C GLY A 525 -13.76 32.92 0.99
N GLU A 526 -14.86 33.64 0.80
CA GLU A 526 -15.90 33.76 1.82
C GLU A 526 -15.39 34.25 3.17
N ASN A 527 -14.90 35.48 3.18
CA ASN A 527 -14.52 36.13 4.40
C ASN A 527 -14.99 37.56 4.32
N ASP A 528 -14.56 38.37 5.28
CA ASP A 528 -14.76 39.80 5.29
C ASP A 528 -13.57 40.65 4.85
N PHE A 529 -12.58 40.06 4.19
CA PHE A 529 -11.43 40.85 3.71
C PHE A 529 -11.83 42.10 2.91
N SER A 530 -11.05 43.15 3.10
CA SER A 530 -11.36 44.45 2.50
C SER A 530 -10.09 45.10 2.00
N GLY A 531 -10.23 46.31 1.45
CA GLY A 531 -9.10 47.04 0.93
C GLY A 531 -8.61 46.47 -0.38
N GLU A 532 -7.36 46.77 -0.71
CA GLU A 532 -6.83 46.41 -2.01
C GLU A 532 -6.01 45.15 -1.93
N ILE A 533 -6.20 44.30 -2.94
CA ILE A 533 -5.36 43.15 -3.13
C ILE A 533 -3.95 43.71 -3.31
N PRO A 534 -3.04 43.36 -2.38
CA PRO A 534 -1.67 43.89 -2.40
C PRO A 534 -0.88 43.42 -3.63
N ASP A 535 0.17 44.16 -3.97
CA ASP A 535 1.02 43.81 -5.10
C ASP A 535 1.80 42.55 -4.76
N GLU A 536 2.02 42.34 -3.47
CA GLU A 536 2.79 41.21 -2.97
C GLU A 536 2.25 39.85 -3.40
N LEU A 537 0.94 39.71 -3.49
CA LEU A 537 0.36 38.42 -3.91
C LEU A 537 0.86 37.97 -5.29
N GLY A 538 1.25 38.93 -6.14
CA GLY A 538 1.75 38.60 -7.46
C GLY A 538 3.22 38.18 -7.48
N GLN A 539 3.86 38.33 -6.33
CA GLN A 539 5.29 38.09 -6.17
C GLN A 539 5.63 36.67 -5.74
N ILE A 540 4.64 35.78 -5.75
CA ILE A 540 4.81 34.40 -5.28
C ILE A 540 4.69 33.48 -6.47
N PRO A 541 5.81 33.31 -7.21
CA PRO A 541 5.88 32.54 -8.46
C PRO A 541 5.32 31.14 -8.28
N SER A 542 5.50 30.59 -7.09
CA SER A 542 5.02 29.25 -6.76
C SER A 542 3.50 29.10 -6.85
N LEU A 543 2.75 30.21 -6.77
CA LEU A 543 1.29 30.10 -6.80
C LEU A 543 0.90 29.47 -8.12
N ALA A 544 0.32 28.30 -8.05
CA ALA A 544 0.17 27.46 -9.21
C ALA A 544 -1.21 26.85 -9.30
N ILE A 545 -1.53 26.05 -8.28
CA ILE A 545 -2.78 25.30 -8.28
C ILE A 545 -4.00 26.22 -8.28
N SER A 546 -4.13 27.04 -7.25
CA SER A 546 -5.30 27.89 -7.13
C SER A 546 -5.07 29.17 -6.33
N LEU A 547 -5.74 30.24 -6.73
CA LEU A 547 -5.85 31.46 -5.93
C LEU A 547 -7.32 31.89 -5.93
N ASN A 548 -7.94 31.83 -4.76
CA ASN A 548 -9.33 32.17 -4.59
C ASN A 548 -9.43 33.34 -3.61
N LEU A 549 -9.76 34.51 -4.14
CA LEU A 549 -10.06 35.70 -3.34
C LEU A 549 -11.56 36.01 -3.22
N SER A 550 -12.41 35.13 -3.76
CA SER A 550 -13.84 35.43 -3.96
C SER A 550 -14.65 35.64 -2.68
N CYS A 551 -15.84 36.21 -2.85
CA CYS A 551 -16.78 36.47 -1.76
C CYS A 551 -16.18 37.21 -0.56
N ASN A 552 -15.44 38.27 -0.87
CA ASN A 552 -14.93 39.20 0.12
C ASN A 552 -15.40 40.60 -0.27
N ARG A 553 -14.86 41.61 0.39
CA ARG A 553 -15.05 43.02 0.02
C ARG A 553 -13.93 43.73 -0.77
N PHE A 554 -13.03 42.99 -1.41
CA PHE A 554 -11.90 43.62 -2.11
C PHE A 554 -12.34 44.75 -3.07
N VAL A 555 -11.57 45.84 -3.08
CA VAL A 555 -11.79 46.95 -4.00
C VAL A 555 -10.51 47.28 -4.75
N GLY A 556 -10.57 48.33 -5.56
CA GLY A 556 -9.44 48.73 -6.39
C GLY A 556 -9.34 47.84 -7.61
N GLU A 557 -8.16 47.76 -8.19
CA GLU A 557 -7.94 47.03 -9.43
C GLU A 557 -7.05 45.81 -9.21
N ILE A 558 -7.16 44.85 -10.11
CA ILE A 558 -6.24 43.73 -10.11
C ILE A 558 -4.82 44.27 -10.26
N PRO A 559 -3.96 44.03 -9.25
CA PRO A 559 -2.59 44.54 -9.27
C PRO A 559 -1.79 44.10 -10.50
N SER A 560 -1.02 45.02 -11.07
CA SER A 560 -0.23 44.75 -12.26
C SER A 560 0.73 43.58 -12.06
N ARG A 561 1.21 43.44 -10.83
CA ARG A 561 2.11 42.33 -10.51
C ARG A 561 1.47 40.97 -10.81
N PHE A 562 0.14 40.93 -10.90
CA PHE A 562 -0.57 39.68 -11.21
C PHE A 562 -0.18 39.09 -12.54
N SER A 563 0.45 39.89 -13.40
CA SER A 563 0.92 39.35 -14.68
C SER A 563 2.07 38.36 -14.47
N ASP A 564 2.67 38.41 -13.30
CA ASP A 564 3.79 37.57 -12.95
C ASP A 564 3.39 36.18 -12.46
N LEU A 565 2.10 35.91 -12.27
CA LEU A 565 1.80 34.57 -11.82
C LEU A 565 1.64 33.79 -13.10
N LYS A 566 2.73 33.17 -13.52
CA LYS A 566 2.81 32.62 -14.86
C LYS A 566 2.39 31.17 -14.78
N ASN A 567 2.35 30.66 -13.56
CA ASN A 567 1.96 29.27 -13.32
C ASN A 567 0.52 29.03 -12.85
N LEU A 568 -0.22 30.11 -12.59
CA LEU A 568 -1.53 29.98 -11.95
C LEU A 568 -2.51 29.32 -12.89
N GLY A 569 -3.07 28.19 -12.47
CA GLY A 569 -4.05 27.48 -13.27
C GLY A 569 -5.49 27.89 -13.02
N VAL A 570 -5.78 28.32 -11.80
CA VAL A 570 -7.15 28.68 -11.44
C VAL A 570 -7.19 29.98 -10.64
N LEU A 571 -8.01 30.92 -11.08
CA LEU A 571 -8.13 32.19 -10.37
C LEU A 571 -9.59 32.62 -10.23
N ASP A 572 -10.03 32.82 -9.00
CA ASP A 572 -11.38 33.25 -8.68
C ASP A 572 -11.32 34.48 -7.76
N VAL A 573 -11.66 35.63 -8.33
CA VAL A 573 -11.82 36.91 -7.65
C VAL A 573 -13.29 37.33 -7.49
N SER A 574 -14.20 36.46 -7.90
CA SER A 574 -15.61 36.80 -8.04
C SER A 574 -16.28 37.26 -6.75
N HIS A 575 -17.42 37.94 -6.90
CA HIS A 575 -18.16 38.49 -5.77
C HIS A 575 -17.32 39.44 -4.90
N ASN A 576 -16.68 40.41 -5.55
CA ASN A 576 -15.99 41.48 -4.85
C ASN A 576 -16.39 42.82 -5.44
N GLN A 577 -15.72 43.87 -5.00
CA GLN A 577 -15.90 45.23 -5.54
C GLN A 577 -14.86 45.67 -6.57
N LEU A 578 -14.09 44.73 -7.08
CA LEU A 578 -12.99 45.01 -8.01
C LEU A 578 -13.37 45.86 -9.24
N THR A 579 -12.48 46.77 -9.64
CA THR A 579 -12.71 47.64 -10.82
C THR A 579 -11.56 47.66 -11.81
N GLY A 580 -11.74 48.48 -12.85
CA GLY A 580 -10.76 48.59 -13.92
C GLY A 580 -10.96 47.46 -14.88
N ASN A 581 -9.98 47.21 -15.73
CA ASN A 581 -10.08 46.15 -16.72
C ASN A 581 -9.20 44.94 -16.41
N LEU A 582 -9.20 43.98 -17.32
CA LEU A 582 -8.47 42.72 -17.13
C LEU A 582 -7.13 42.61 -17.84
N ASN A 583 -6.66 43.68 -18.46
CA ASN A 583 -5.49 43.63 -19.34
C ASN A 583 -4.27 42.94 -18.76
N VAL A 584 -4.08 43.10 -17.46
CA VAL A 584 -2.98 42.47 -16.75
C VAL A 584 -3.04 40.93 -16.83
N LEU A 585 -4.23 40.39 -17.03
CA LEU A 585 -4.41 38.94 -17.11
C LEU A 585 -4.16 38.32 -18.50
N THR A 586 -4.11 39.16 -19.54
CA THR A 586 -4.25 38.67 -20.93
C THR A 586 -3.16 37.73 -21.42
N ASP A 587 -1.97 37.82 -20.84
CA ASP A 587 -0.88 36.93 -21.24
C ASP A 587 -0.60 35.69 -20.37
N LEU A 588 -1.45 35.42 -19.38
CA LEU A 588 -1.19 34.23 -18.57
C LEU A 588 -1.63 33.00 -19.36
N GLN A 589 -0.64 32.24 -19.82
CA GLN A 589 -0.86 31.18 -20.79
C GLN A 589 -1.31 29.87 -20.16
N ASN A 590 -0.99 29.71 -18.88
CA ASN A 590 -1.41 28.52 -18.15
C ASN A 590 -2.70 28.70 -17.36
N LEU A 591 -3.33 29.86 -17.52
CA LEU A 591 -4.59 30.13 -16.86
C LEU A 591 -5.69 29.33 -17.54
N VAL A 592 -6.36 28.51 -16.75
CA VAL A 592 -7.30 27.51 -17.23
C VAL A 592 -8.70 27.98 -16.89
N SER A 593 -8.93 28.21 -15.61
CA SER A 593 -10.20 28.71 -15.11
C SER A 593 -10.07 30.12 -14.54
N LEU A 594 -10.98 31.00 -14.96
CA LEU A 594 -11.00 32.39 -14.51
C LEU A 594 -12.41 32.75 -14.13
N ASN A 595 -12.63 33.16 -12.88
CA ASN A 595 -13.95 33.64 -12.49
C ASN A 595 -13.86 35.10 -12.01
N ILE A 596 -14.32 36.02 -12.87
CA ILE A 596 -14.40 37.47 -12.60
C ILE A 596 -15.80 38.05 -12.31
N SER A 597 -16.80 37.19 -12.24
CA SER A 597 -18.20 37.61 -12.14
C SER A 597 -18.55 38.35 -10.85
N TYR A 598 -19.67 39.05 -10.88
CA TYR A 598 -20.11 39.88 -9.77
C TYR A 598 -19.03 40.81 -9.21
N ASN A 599 -18.44 41.58 -10.12
CA ASN A 599 -17.53 42.64 -9.74
C ASN A 599 -17.95 43.91 -10.46
N ASP A 600 -17.16 44.96 -10.28
CA ASP A 600 -17.36 46.24 -10.97
C ASP A 600 -16.47 46.44 -12.21
N PHE A 601 -15.87 45.36 -12.72
CA PHE A 601 -15.01 45.43 -13.90
C PHE A 601 -15.71 46.03 -15.13
N SER A 602 -14.91 46.66 -15.99
CA SER A 602 -15.40 47.26 -17.21
C SER A 602 -14.25 47.34 -18.20
N GLY A 603 -14.57 47.48 -19.49
CA GLY A 603 -13.56 47.43 -20.53
C GLY A 603 -13.67 46.23 -21.45
N ASP A 604 -12.90 46.27 -22.53
CA ASP A 604 -12.97 45.20 -23.50
C ASP A 604 -11.91 44.13 -23.35
N LEU A 605 -12.31 42.90 -23.67
CA LEU A 605 -11.43 41.74 -23.63
C LEU A 605 -11.23 41.27 -25.06
N PRO A 606 -10.02 40.77 -25.35
CA PRO A 606 -9.67 40.38 -26.73
C PRO A 606 -10.49 39.19 -27.17
N ASN A 607 -10.67 39.02 -28.48
CA ASN A 607 -11.43 37.87 -28.95
C ASN A 607 -10.41 36.76 -29.10
N THR A 608 -10.42 35.84 -28.15
CA THR A 608 -9.43 34.80 -28.07
C THR A 608 -10.19 33.61 -27.57
N PRO A 609 -9.71 32.41 -27.88
CA PRO A 609 -10.43 31.28 -27.29
C PRO A 609 -10.47 31.40 -25.76
N PHE A 610 -9.42 31.88 -25.09
CA PHE A 610 -9.56 32.08 -23.65
C PHE A 610 -10.78 32.92 -23.29
N PHE A 611 -10.74 34.21 -23.60
CA PHE A 611 -11.83 35.09 -23.17
C PHE A 611 -13.18 34.74 -23.77
N ARG A 612 -13.17 34.19 -24.98
CA ARG A 612 -14.39 33.69 -25.59
C ARG A 612 -15.06 32.56 -24.78
N ARG A 613 -14.27 31.71 -24.11
CA ARG A 613 -14.86 30.70 -23.22
C ARG A 613 -15.52 31.25 -21.92
N LEU A 614 -15.27 32.51 -21.57
CA LEU A 614 -15.89 33.08 -20.37
C LEU A 614 -17.39 33.23 -20.58
N PRO A 615 -18.19 32.63 -19.68
CA PRO A 615 -19.65 32.69 -19.77
C PRO A 615 -20.15 34.13 -19.87
N LEU A 616 -21.12 34.40 -20.73
CA LEU A 616 -21.59 35.77 -20.96
C LEU A 616 -22.32 36.33 -19.74
N SER A 617 -22.89 35.45 -18.93
CA SER A 617 -23.51 35.89 -17.68
C SER A 617 -22.46 36.44 -16.72
N ASP A 618 -21.23 35.91 -16.79
CA ASP A 618 -20.11 36.43 -16.02
C ASP A 618 -19.76 37.86 -16.39
N LEU A 619 -19.89 38.20 -17.68
CA LEU A 619 -19.67 39.57 -18.13
C LEU A 619 -20.90 40.42 -17.81
N ALA A 620 -22.05 39.77 -17.70
CA ALA A 620 -23.29 40.50 -17.48
C ALA A 620 -23.44 40.99 -16.03
N SER A 621 -22.72 40.35 -15.11
CA SER A 621 -22.73 40.73 -13.70
C SER A 621 -21.72 41.81 -13.35
N ASN A 622 -20.93 42.22 -14.33
CA ASN A 622 -19.96 43.30 -14.15
C ASN A 622 -20.50 44.68 -14.56
N ARG A 623 -19.61 45.66 -14.68
CA ARG A 623 -20.03 47.02 -14.97
C ARG A 623 -20.02 47.35 -16.48
N GLY A 624 -18.84 47.30 -17.08
CA GLY A 624 -18.63 47.43 -18.52
C GLY A 624 -17.97 46.36 -19.37
N LEU A 625 -18.00 45.07 -19.01
CA LEU A 625 -17.15 44.10 -19.73
C LEU A 625 -17.70 43.64 -21.07
N TYR A 626 -16.86 43.59 -22.10
CA TYR A 626 -17.35 43.05 -23.38
C TYR A 626 -16.23 42.51 -24.26
N ILE A 627 -16.53 41.54 -25.11
CA ILE A 627 -15.54 41.05 -26.06
C ILE A 627 -15.47 41.97 -27.28
N SER A 628 -14.26 42.40 -27.64
CA SER A 628 -14.12 43.26 -28.80
C SER A 628 -13.30 42.58 -29.88
N ASN A 629 -13.48 43.02 -31.12
CA ASN A 629 -12.66 42.55 -32.23
C ASN A 629 -11.61 43.56 -32.64
N ALA A 630 -10.36 43.13 -32.68
CA ALA A 630 -9.24 43.97 -33.05
C ALA A 630 -9.37 44.49 -34.51
N ILE A 631 -8.78 45.65 -34.76
CA ILE A 631 -8.86 46.30 -36.07
C ILE A 631 -7.81 45.76 -37.02
N ASP B 1 14.03 -10.93 -11.09
CA ASP B 1 13.99 -11.85 -9.97
C ASP B 1 12.61 -11.87 -9.32
N TRP B 3 9.51 -12.20 -6.82
CA TRP B 3 9.40 -11.84 -5.41
C TRP B 3 9.16 -13.05 -4.50
N LYS B 4 9.80 -12.99 -3.34
CA LYS B 4 9.60 -13.94 -2.26
C LYS B 4 8.16 -13.85 -1.78
N PRO B 5 7.65 -14.91 -1.13
CA PRO B 5 6.30 -14.90 -0.58
C PRO B 5 6.03 -13.71 0.33
N ARG B 6 4.81 -13.17 0.27
CA ARG B 6 4.43 -12.03 1.10
C ARG B 6 2.93 -12.05 1.36
N HIS B 7 2.51 -11.27 2.34
CA HIS B 7 1.12 -11.23 2.70
C HIS B 7 0.51 -10.04 1.94
N HIS B 8 -0.80 -9.87 2.08
CA HIS B 8 -1.51 -8.75 1.48
C HIS B 8 -1.06 -7.46 2.15
N PRO B 9 -0.62 -6.46 1.37
CA PRO B 9 -0.21 -5.20 1.98
C PRO B 9 -1.36 -4.58 2.77
N ARG B 11 -3.52 -1.64 4.48
CA ARG B 11 -3.87 -0.35 3.97
C ARG B 11 -4.58 0.31 5.16
N ASN B 12 -4.11 1.49 5.55
CA ASN B 12 -4.84 2.27 6.56
C ASN B 12 -5.31 3.58 5.92
N ASN B 13 -5.99 4.43 6.68
CA ASN B 13 -6.49 5.67 6.12
C ASN B 13 -5.59 6.87 6.39
#